data_8CEY
#
_entry.id   8CEY
#
_cell.length_a   81.632
_cell.length_b   81.763
_cell.length_c   170.486
_cell.angle_alpha   90.000
_cell.angle_beta   90.000
_cell.angle_gamma   90.000
#
_symmetry.space_group_name_H-M   'P 21 21 21'
#
loop_
_entity.id
_entity.type
_entity.pdbx_description
1 polymer 'N-glycosylase/DNA lyase'
2 non-polymer ~{N}-(3,3-dimethylcyclobutyl)imidazo[5,1-b][1,3]thiazole-3-carboxamide
3 non-polymer 'NICKEL (II) ION'
4 water water
#
_entity_poly.entity_id   1
_entity_poly.type   'polypeptide(L)'
_entity_poly.pdbx_seq_one_letter_code
;GSHMRHRTLSSSPALWASIPCPRSELRLDLVLASGQSFRWKEQSPAHWSGVLADQVWTLTQTEDQLYCTVYRGDDSQVSR
PTLEELETLHKYFQLDVSLAQLYSHWASVDSHFQRVAQKFQGVRLLRQDPTECLFSFICSSNNNIARITGMVERLCQAFG
PRLIQLDDVTYHGFPNLHALAGPEAETHLRKLGLGYRARYVRASAKAILEEQGGPAWLQQLRVAPYEEAHKALCTLPGVG
AKVADCICLMALDKPQAVPVDVHVWQIAHRDYGWHPKTSQAKGPSPLANKELGNFFRNLWGPYAGWAQAVLFSADLRQ
;
_entity_poly.pdbx_strand_id   A,B,C
#
loop_
_chem_comp.id
_chem_comp.type
_chem_comp.name
_chem_comp.formula
NI non-polymer 'NICKEL (II) ION' 'Ni 2'
UEF non-polymer ~{N}-(3,3-dimethylcyclobutyl)imidazo[5,1-b][1,3]thiazole-3-carboxamide 'C12 H15 N3 O S'
#
# COMPACT_ATOMS: atom_id res chain seq x y z
N HIS A 3 -21.24 6.69 42.68
CA HIS A 3 -21.34 8.14 43.02
C HIS A 3 -20.05 8.89 42.71
N MET A 4 -18.94 8.16 42.62
CA MET A 4 -17.69 8.81 42.18
C MET A 4 -17.65 8.73 40.66
N ARG A 5 -17.27 9.82 40.01
CA ARG A 5 -17.32 9.88 38.54
C ARG A 5 -15.90 9.99 37.97
N HIS A 6 -15.73 9.59 36.72
CA HIS A 6 -14.42 9.74 36.05
C HIS A 6 -14.20 11.23 35.83
N ARG A 7 -12.98 11.72 36.08
CA ARG A 7 -12.66 13.11 35.91
C ARG A 7 -12.40 13.46 34.44
N THR A 8 -12.74 14.71 34.10
CA THR A 8 -12.26 15.36 32.89
C THR A 8 -11.51 16.61 33.33
N LEU A 9 -10.81 17.22 32.39
CA LEU A 9 -10.00 18.42 32.65
C LEU A 9 -10.95 19.59 32.97
N SER A 10 -12.10 19.62 32.27
CA SER A 10 -13.21 20.52 32.54
C SER A 10 -13.80 20.31 33.94
N SER A 11 -14.23 19.07 34.24
CA SER A 11 -15.01 18.77 35.44
C SER A 11 -14.23 18.97 36.75
N SER A 12 -12.89 18.86 36.76
CA SER A 12 -12.16 18.79 38.03
C SER A 12 -10.82 19.52 37.97
N PRO A 13 -10.78 20.82 37.57
CA PRO A 13 -9.51 21.51 37.30
C PRO A 13 -8.44 21.45 38.37
N ALA A 14 -8.84 21.35 39.63
CA ALA A 14 -7.92 21.41 40.76
C ALA A 14 -7.16 20.10 40.97
N LEU A 15 -7.59 18.99 40.33
CA LEU A 15 -7.07 17.67 40.66
C LEU A 15 -6.12 17.13 39.58
N TRP A 16 -5.68 17.99 38.65
CA TRP A 16 -4.78 17.60 37.57
C TRP A 16 -3.40 18.22 37.78
N ALA A 17 -2.35 17.41 37.60
CA ALA A 17 -0.99 17.90 37.39
C ALA A 17 -0.63 17.75 35.91
N SER A 18 0.45 18.43 35.49
CA SER A 18 0.93 18.34 34.12
C SER A 18 2.40 17.94 34.08
N ILE A 19 2.75 17.26 32.99
CA ILE A 19 4.12 16.89 32.67
C ILE A 19 4.39 17.45 31.28
N PRO A 20 5.42 18.32 31.13
CA PRO A 20 5.80 18.85 29.81
C PRO A 20 6.13 17.68 28.89
N CYS A 21 5.39 17.59 27.79
CA CYS A 21 5.43 16.43 26.92
C CYS A 21 4.90 16.81 25.53
N PRO A 22 5.79 17.08 24.54
CA PRO A 22 5.35 17.33 23.17
C PRO A 22 4.63 16.09 22.65
N ARG A 23 3.64 16.29 21.78
CA ARG A 23 2.91 15.18 21.20
C ARG A 23 3.79 14.39 20.22
N SER A 24 4.94 14.96 19.86
CA SER A 24 6.00 14.23 19.17
C SER A 24 6.69 13.20 20.07
N GLU A 25 6.66 13.40 21.40
CA GLU A 25 7.24 12.46 22.36
C GLU A 25 6.26 11.38 22.83
N LEU A 26 4.94 11.66 22.79
CA LEU A 26 3.91 10.74 23.24
C LEU A 26 2.55 11.13 22.66
N ARG A 27 1.93 10.21 21.90
CA ARG A 27 0.51 10.30 21.61
C ARG A 27 -0.25 9.21 22.35
N LEU A 28 -1.02 9.60 23.38
CA LEU A 28 -1.79 8.67 24.18
C LEU A 28 -2.62 7.75 23.29
N ASP A 29 -3.26 8.33 22.27
CA ASP A 29 -4.24 7.62 21.48
C ASP A 29 -3.59 6.62 20.54
N LEU A 30 -2.26 6.66 20.37
CA LEU A 30 -1.53 5.67 19.57
C LEU A 30 -0.79 4.68 20.48
N VAL A 31 -0.83 4.88 21.79
CA VAL A 31 -0.03 4.04 22.69
C VAL A 31 -0.92 3.16 23.58
N LEU A 32 -2.01 3.73 24.12
CA LEU A 32 -2.67 3.12 25.27
C LEU A 32 -3.64 1.98 24.89
N ALA A 33 -4.13 1.98 23.65
CA ALA A 33 -4.95 0.88 23.16
C ALA A 33 -4.39 0.28 21.88
N SER A 34 -3.06 0.21 21.79
CA SER A 34 -2.35 -0.26 20.61
C SER A 34 -1.67 -1.61 20.84
N GLY A 35 -2.18 -2.42 21.78
CA GLY A 35 -1.70 -3.78 21.91
C GLY A 35 -0.40 -3.90 22.71
N GLN A 36 -0.13 -2.91 23.58
CA GLN A 36 0.92 -3.05 24.58
C GLN A 36 0.31 -3.36 25.95
N SER A 37 -0.43 -2.38 26.48
CA SER A 37 -1.29 -2.54 27.65
C SER A 37 -2.73 -2.71 27.18
N PHE A 38 -3.49 -3.49 27.96
CA PHE A 38 -4.88 -3.80 27.67
C PHE A 38 -5.80 -3.22 28.73
N ARG A 39 -5.31 -2.25 29.52
CA ARG A 39 -6.00 -1.81 30.73
C ARG A 39 -6.42 -0.35 30.67
N TRP A 40 -6.30 0.29 29.51
CA TRP A 40 -6.67 1.70 29.37
C TRP A 40 -7.90 1.81 28.46
N LYS A 41 -8.82 2.69 28.84
CA LYS A 41 -10.01 2.94 28.03
C LYS A 41 -10.32 4.43 28.06
N GLU A 42 -10.74 4.92 26.89
CA GLU A 42 -11.15 6.29 26.69
C GLU A 42 -12.60 6.44 27.19
N GLN A 43 -12.78 6.64 28.50
CA GLN A 43 -14.10 6.60 29.13
C GLN A 43 -14.89 7.88 28.78
N SER A 44 -14.20 9.00 28.55
CA SER A 44 -14.79 10.11 27.82
C SER A 44 -13.79 10.61 26.78
N PRO A 45 -14.23 11.33 25.71
CA PRO A 45 -13.33 11.79 24.66
C PRO A 45 -12.02 12.43 25.14
N ALA A 46 -10.90 11.89 24.61
CA ALA A 46 -9.54 12.36 24.86
C ALA A 46 -9.07 12.07 26.28
N HIS A 47 -9.85 11.32 27.06
CA HIS A 47 -9.52 11.03 28.44
C HIS A 47 -9.40 9.52 28.67
N TRP A 48 -8.20 9.07 29.04
CA TRP A 48 -7.84 7.66 29.14
C TRP A 48 -7.75 7.26 30.60
N SER A 49 -8.51 6.23 30.99
CA SER A 49 -8.51 5.79 32.37
C SER A 49 -8.04 4.34 32.45
N GLY A 50 -7.22 4.04 33.47
CA GLY A 50 -6.79 2.67 33.69
C GLY A 50 -5.96 2.56 34.97
N VAL A 51 -5.64 1.32 35.31
CA VAL A 51 -4.95 1.04 36.60
C VAL A 51 -3.44 0.91 36.44
N LEU A 52 -2.71 1.57 37.31
CA LEU A 52 -1.24 1.42 37.38
C LEU A 52 -0.97 1.08 38.85
N ALA A 53 -0.62 -0.17 39.13
CA ALA A 53 -0.36 -0.64 40.51
C ALA A 53 -1.66 -0.76 41.28
N ASP A 54 -1.80 0.00 42.36
CA ASP A 54 -3.00 -0.04 43.22
C ASP A 54 -3.77 1.25 43.03
N GLN A 55 -3.58 1.88 41.88
CA GLN A 55 -4.20 3.22 41.69
C GLN A 55 -4.77 3.38 40.29
N VAL A 56 -5.87 4.09 40.18
CA VAL A 56 -6.46 4.44 38.90
C VAL A 56 -5.96 5.82 38.52
N TRP A 57 -5.69 6.00 37.23
CA TRP A 57 -5.33 7.29 36.64
C TRP A 57 -6.29 7.60 35.51
N THR A 58 -6.52 8.90 35.30
CA THR A 58 -7.04 9.40 34.05
C THR A 58 -5.97 10.31 33.44
N LEU A 59 -5.75 10.12 32.13
CA LEU A 59 -4.73 10.86 31.39
C LEU A 59 -5.39 11.55 30.22
N THR A 60 -5.01 12.83 30.01
CA THR A 60 -5.32 13.55 28.79
C THR A 60 -4.12 14.43 28.44
N GLN A 61 -4.08 14.94 27.20
CA GLN A 61 -2.96 15.78 26.79
C GLN A 61 -3.42 16.89 25.83
N THR A 62 -2.66 17.99 25.85
CA THR A 62 -2.68 19.02 24.82
C THR A 62 -1.50 18.78 23.87
N GLU A 63 -1.14 19.80 23.09
CA GLU A 63 0.00 19.70 22.19
C GLU A 63 1.33 19.63 22.94
N ASP A 64 1.41 20.29 24.11
CA ASP A 64 2.68 20.47 24.80
C ASP A 64 2.66 19.83 26.19
N GLN A 65 1.49 19.41 26.69
CA GLN A 65 1.38 19.00 28.08
C GLN A 65 0.58 17.70 28.21
N LEU A 66 1.10 16.80 29.08
CA LEU A 66 0.41 15.60 29.51
C LEU A 66 -0.19 15.87 30.88
N TYR A 67 -1.52 15.82 30.96
CA TYR A 67 -2.26 16.02 32.20
C TYR A 67 -2.67 14.66 32.77
N CYS A 68 -2.47 14.50 34.07
CA CYS A 68 -2.86 13.31 34.77
C CYS A 68 -3.55 13.67 36.09
N THR A 69 -4.36 12.70 36.55
CA THR A 69 -5.06 12.77 37.81
C THR A 69 -5.12 11.35 38.36
N VAL A 70 -4.96 11.19 39.67
CA VAL A 70 -4.95 9.87 40.31
C VAL A 70 -6.12 9.75 41.29
N TYR A 71 -6.78 8.59 41.29
CA TYR A 71 -7.80 8.24 42.26
C TYR A 71 -7.22 7.16 43.18
N ARG A 72 -7.29 7.42 44.48
CA ARG A 72 -6.86 6.48 45.50
C ARG A 72 -8.15 6.07 46.26
N SER A 76 -8.48 8.24 51.81
CA SER A 76 -7.83 9.33 51.03
C SER A 76 -8.86 10.39 50.68
N GLN A 77 -8.50 11.66 50.88
CA GLN A 77 -9.25 12.78 50.34
C GLN A 77 -8.58 13.24 49.03
N VAL A 78 -9.43 13.55 48.05
CA VAL A 78 -8.99 13.79 46.68
C VAL A 78 -7.93 14.88 46.67
N SER A 79 -6.86 14.66 45.88
CA SER A 79 -5.81 15.64 45.69
C SER A 79 -5.02 15.35 44.41
N ARG A 80 -4.18 16.33 44.01
CA ARG A 80 -3.38 16.20 42.81
C ARG A 80 -2.34 15.09 42.99
N PRO A 81 -1.79 14.56 41.87
CA PRO A 81 -0.72 13.58 41.96
C PRO A 81 0.47 14.14 42.70
N THR A 82 1.15 13.28 43.44
CA THR A 82 2.37 13.69 44.18
C THR A 82 3.56 13.63 43.23
N LEU A 83 4.67 14.23 43.61
CA LEU A 83 5.91 14.16 42.79
C LEU A 83 6.25 12.68 42.54
N GLU A 84 6.14 11.86 43.57
CA GLU A 84 6.51 10.43 43.43
C GLU A 84 5.58 9.76 42.42
N GLU A 85 4.27 9.95 42.59
CA GLU A 85 3.28 9.35 41.67
C GLU A 85 3.58 9.86 40.26
N LEU A 86 4.00 11.11 40.18
CA LEU A 86 4.32 11.68 38.86
C LEU A 86 5.58 11.03 38.29
N GLU A 87 6.55 10.67 39.14
CA GLU A 87 7.75 9.99 38.68
C GLU A 87 7.41 8.59 38.18
N THR A 88 6.46 7.91 38.82
CA THR A 88 5.97 6.62 38.39
C THR A 88 5.50 6.70 36.93
N LEU A 89 4.74 7.75 36.62
CA LEU A 89 4.16 7.94 35.30
C LEU A 89 5.24 8.28 34.27
N HIS A 90 6.20 9.11 34.68
CA HIS A 90 7.38 9.43 33.86
C HIS A 90 8.15 8.17 33.47
N LYS A 91 8.28 7.22 34.41
CA LYS A 91 8.98 5.96 34.18
C LYS A 91 8.17 5.02 33.29
N TYR A 92 6.86 4.97 33.51
CA TYR A 92 5.93 4.17 32.74
C TYR A 92 5.99 4.52 31.25
N PHE A 93 6.12 5.81 30.94
CA PHE A 93 6.18 6.25 29.55
C PHE A 93 7.65 6.39 29.09
N GLN A 94 8.59 6.07 29.97
CA GLN A 94 10.02 6.08 29.68
C GLN A 94 10.45 7.41 29.07
N LEU A 95 10.03 8.51 29.69
CA LEU A 95 10.10 9.82 29.05
C LEU A 95 11.53 10.36 29.09
N ASP A 96 12.42 9.74 29.88
CA ASP A 96 13.86 10.01 29.84
C ASP A 96 14.41 9.82 28.43
N VAL A 97 13.92 8.80 27.74
CA VAL A 97 14.41 8.48 26.42
C VAL A 97 13.75 9.44 25.43
N SER A 98 14.55 10.07 24.57
CA SER A 98 14.04 10.93 23.52
C SER A 98 13.62 10.15 22.28
N LEU A 99 12.31 10.22 21.98
CA LEU A 99 11.69 9.53 20.86
C LEU A 99 11.99 10.29 19.57
N ALA A 100 12.08 11.63 19.63
CA ALA A 100 12.40 12.39 18.44
C ALA A 100 13.78 12.01 17.93
N GLN A 101 14.73 11.80 18.85
CA GLN A 101 16.10 11.44 18.47
C GLN A 101 16.18 10.01 17.92
N LEU A 102 15.36 9.08 18.46
CA LEU A 102 15.30 7.72 17.94
C LEU A 102 14.67 7.74 16.55
N TYR A 103 13.54 8.43 16.40
CA TYR A 103 12.89 8.52 15.09
C TYR A 103 13.86 8.98 14.01
N SER A 104 14.70 10.00 14.29
CA SER A 104 15.63 10.49 13.27
C SER A 104 16.78 9.50 13.03
N HIS A 105 17.22 8.78 14.08
CA HIS A 105 18.25 7.77 13.88
C HIS A 105 17.73 6.62 13.00
N TRP A 106 16.48 6.18 13.24
CA TRP A 106 15.85 5.12 12.42
C TRP A 106 15.61 5.61 10.99
N ALA A 107 15.16 6.84 10.84
CA ALA A 107 14.88 7.39 9.49
C ALA A 107 16.17 7.47 8.66
N SER A 108 17.32 7.69 9.29
CA SER A 108 18.63 7.83 8.59
C SER A 108 18.97 6.57 7.80
N VAL A 109 18.46 5.42 8.22
CA VAL A 109 18.84 4.13 7.57
C VAL A 109 17.59 3.49 6.96
N ASP A 110 16.42 4.06 7.22
CA ASP A 110 15.15 3.43 6.75
C ASP A 110 14.19 4.45 6.17
N SER A 111 14.04 4.45 4.85
CA SER A 111 13.14 5.40 4.15
C SER A 111 11.68 5.02 4.38
N HIS A 112 11.43 3.72 4.50
CA HIS A 112 10.05 3.25 4.75
C HIS A 112 9.60 3.79 6.10
N PHE A 113 10.44 3.63 7.10
CA PHE A 113 10.11 4.16 8.44
C PHE A 113 9.90 5.68 8.29
N GLN A 114 10.81 6.34 7.58
CA GLN A 114 10.63 7.79 7.46
C GLN A 114 9.24 8.14 6.95
N ARG A 115 8.81 7.50 5.86
CA ARG A 115 7.51 7.75 5.24
C ARG A 115 6.37 7.48 6.22
N VAL A 116 6.42 6.33 6.90
CA VAL A 116 5.34 5.84 7.74
C VAL A 116 5.28 6.60 9.06
N ALA A 117 6.44 7.04 9.56
CA ALA A 117 6.51 7.71 10.88
C ALA A 117 6.10 9.18 10.86
N GLN A 118 6.10 9.82 9.68
CA GLN A 118 5.75 11.25 9.57
C GLN A 118 4.38 11.49 10.18
N LYS A 119 3.43 10.58 9.93
CA LYS A 119 2.05 10.76 10.43
C LYS A 119 1.89 10.07 11.80
N PHE A 120 2.84 9.24 12.18
CA PHE A 120 2.67 8.44 13.42
C PHE A 120 3.79 8.77 14.41
N GLN A 121 3.76 9.98 14.93
CA GLN A 121 4.76 10.41 15.91
C GLN A 121 4.23 10.15 17.32
N GLY A 122 5.11 10.03 18.30
CA GLY A 122 4.73 9.85 19.67
C GLY A 122 4.32 8.42 20.00
N VAL A 123 4.71 7.45 19.16
CA VAL A 123 4.53 6.04 19.49
C VAL A 123 5.75 5.57 20.28
N ARG A 124 5.58 5.38 21.58
CA ARG A 124 6.66 4.86 22.40
C ARG A 124 6.21 3.60 23.13
N LEU A 125 7.19 2.95 23.76
CA LEU A 125 6.99 1.72 24.52
C LEU A 125 6.78 2.05 25.99
N LEU A 126 5.66 1.53 26.52
CA LEU A 126 5.40 1.58 27.94
C LEU A 126 6.40 0.65 28.62
N ARG A 127 6.73 1.00 29.85
CA ARG A 127 7.47 0.11 30.73
C ARG A 127 6.47 -0.50 31.70
N GLN A 128 6.09 -1.76 31.43
CA GLN A 128 4.97 -2.39 32.13
C GLN A 128 5.49 -3.25 33.29
N ASP A 129 4.59 -3.53 34.23
CA ASP A 129 4.81 -4.47 35.31
C ASP A 129 5.02 -5.84 34.68
N PRO A 130 6.10 -6.59 35.03
CA PRO A 130 6.36 -7.90 34.43
C PRO A 130 5.24 -8.93 34.57
N THR A 131 4.62 -8.99 35.74
CA THR A 131 3.58 -9.98 35.99
C THR A 131 2.39 -9.69 35.06
N GLU A 132 1.90 -8.46 35.09
CA GLU A 132 0.77 -8.09 34.26
C GLU A 132 1.06 -8.36 32.79
N CYS A 133 2.25 -7.97 32.35
CA CYS A 133 2.62 -8.12 30.95
C CYS A 133 2.65 -9.60 30.58
N LEU A 134 3.28 -10.44 31.41
CA LEU A 134 3.40 -11.86 31.14
C LEU A 134 2.02 -12.48 30.94
N PHE A 135 1.10 -12.26 31.88
CA PHE A 135 -0.21 -12.93 31.82
C PHE A 135 -1.08 -12.32 30.73
N SER A 136 -0.94 -11.01 30.47
CA SER A 136 -1.65 -10.39 29.35
C SER A 136 -1.23 -11.03 28.04
N PHE A 137 0.07 -11.30 27.85
CA PHE A 137 0.55 -11.82 26.58
C PHE A 137 0.33 -13.33 26.47
N ILE A 138 0.27 -14.06 27.59
CA ILE A 138 -0.21 -15.43 27.52
C ILE A 138 -1.64 -15.46 26.95
N CYS A 139 -2.47 -14.48 27.32
CA CYS A 139 -3.84 -14.38 26.82
C CYS A 139 -3.92 -13.89 25.37
N SER A 140 -2.79 -13.45 24.76
CA SER A 140 -2.79 -12.77 23.48
C SER A 140 -2.69 -13.75 22.30
N SER A 141 -2.38 -15.02 22.55
CA SER A 141 -2.34 -16.05 21.51
C SER A 141 -3.68 -16.14 20.75
N ASN A 142 -3.57 -16.15 19.41
CA ASN A 142 -4.70 -16.26 18.49
C ASN A 142 -5.84 -15.37 18.91
N ASN A 143 -5.53 -14.10 19.18
CA ASN A 143 -6.50 -13.22 19.80
C ASN A 143 -6.34 -11.84 19.18
N ASN A 144 -7.31 -10.97 19.45
CA ASN A 144 -7.30 -9.59 18.99
C ASN A 144 -7.39 -8.67 20.20
N ILE A 145 -7.15 -7.37 19.99
CA ILE A 145 -7.02 -6.45 21.11
C ILE A 145 -8.29 -6.40 21.94
N ALA A 146 -9.47 -6.31 21.30
CA ALA A 146 -10.72 -6.13 22.05
C ALA A 146 -11.02 -7.34 22.94
N ARG A 147 -10.74 -8.54 22.44
CA ARG A 147 -11.02 -9.77 23.19
C ARG A 147 -10.00 -9.96 24.32
N ILE A 148 -8.71 -9.66 24.06
CA ILE A 148 -7.71 -9.73 25.10
C ILE A 148 -8.08 -8.78 26.22
N THR A 149 -8.51 -7.58 25.82
CA THR A 149 -8.91 -6.54 26.76
C THR A 149 -10.02 -7.07 27.68
N GLY A 150 -11.01 -7.77 27.10
CA GLY A 150 -12.11 -8.35 27.84
C GLY A 150 -11.60 -9.41 28.83
N MET A 151 -10.77 -10.34 28.36
CA MET A 151 -10.24 -11.43 29.17
C MET A 151 -9.45 -10.91 30.37
N VAL A 152 -8.61 -9.88 30.12
CA VAL A 152 -7.77 -9.33 31.17
C VAL A 152 -8.64 -8.66 32.24
N GLU A 153 -9.63 -7.88 31.79
CA GLU A 153 -10.55 -7.20 32.72
C GLU A 153 -11.31 -8.24 33.56
N ARG A 154 -11.83 -9.32 32.96
CA ARG A 154 -12.59 -10.31 33.73
C ARG A 154 -11.68 -11.05 34.71
N LEU A 155 -10.44 -11.31 34.29
CA LEU A 155 -9.44 -11.92 35.15
C LEU A 155 -9.16 -11.05 36.36
N CYS A 156 -9.01 -9.73 36.15
CA CYS A 156 -8.70 -8.82 37.24
C CYS A 156 -9.89 -8.69 38.22
N GLN A 157 -11.11 -8.65 37.65
CA GLN A 157 -12.31 -8.60 38.46
C GLN A 157 -12.43 -9.83 39.37
N ALA A 158 -12.22 -11.00 38.81
CA ALA A 158 -12.42 -12.27 39.49
C ALA A 158 -11.28 -12.59 40.46
N PHE A 159 -10.04 -12.12 40.21
CA PHE A 159 -8.90 -12.57 41.02
C PHE A 159 -8.14 -11.46 41.71
N GLY A 160 -8.33 -10.19 41.29
CA GLY A 160 -7.52 -9.10 41.82
C GLY A 160 -8.28 -8.24 42.82
N PRO A 161 -7.58 -7.42 43.63
CA PRO A 161 -8.23 -6.60 44.67
C PRO A 161 -9.04 -5.46 44.04
N ARG A 162 -10.24 -5.25 44.57
CA ARG A 162 -11.06 -4.16 44.13
C ARG A 162 -10.42 -2.85 44.58
N LEU A 163 -10.33 -1.87 43.68
CA LEU A 163 -9.69 -0.60 43.98
C LEU A 163 -10.75 0.47 44.21
N ILE A 164 -11.59 0.72 43.20
CA ILE A 164 -12.52 1.83 43.23
C ILE A 164 -13.54 1.63 42.11
N GLN A 165 -14.69 2.32 42.25
CA GLN A 165 -15.66 2.43 41.19
C GLN A 165 -15.77 3.88 40.74
N LEU A 166 -15.77 4.08 39.43
CA LEU A 166 -15.97 5.37 38.81
C LEU A 166 -17.08 5.20 37.79
N ASP A 167 -18.14 6.02 37.87
CA ASP A 167 -19.32 5.79 37.04
C ASP A 167 -19.75 4.33 37.20
N ASP A 168 -19.94 3.60 36.10
CA ASP A 168 -20.32 2.19 36.14
C ASP A 168 -19.12 1.23 36.06
N VAL A 169 -17.88 1.75 36.17
CA VAL A 169 -16.70 0.91 35.98
C VAL A 169 -16.03 0.63 37.32
N THR A 170 -15.92 -0.67 37.65
CA THR A 170 -15.18 -1.09 38.84
C THR A 170 -13.76 -1.50 38.44
N TYR A 171 -12.77 -0.89 39.08
CA TYR A 171 -11.36 -1.12 38.78
C TYR A 171 -10.78 -2.09 39.79
N HIS A 172 -10.02 -3.08 39.30
CA HIS A 172 -9.30 -4.02 40.14
C HIS A 172 -7.80 -3.98 39.84
N GLY A 173 -6.97 -4.26 40.85
CA GLY A 173 -5.55 -4.45 40.64
C GLY A 173 -5.30 -5.75 39.87
N PHE A 174 -4.12 -5.87 39.27
CA PHE A 174 -3.71 -7.14 38.69
C PHE A 174 -3.50 -8.16 39.83
N PRO A 175 -3.96 -9.41 39.67
CA PRO A 175 -3.78 -10.46 40.68
C PRO A 175 -2.33 -10.84 40.99
N ASN A 176 -2.08 -11.35 42.21
CA ASN A 176 -0.80 -11.95 42.52
C ASN A 176 -0.78 -13.37 41.97
N LEU A 177 0.41 -13.97 41.92
CA LEU A 177 0.60 -15.28 41.34
C LEU A 177 -0.16 -16.34 42.15
N HIS A 178 -0.13 -16.18 43.47
CA HIS A 178 -0.78 -17.16 44.34
C HIS A 178 -2.26 -17.24 43.98
N ALA A 179 -2.89 -16.09 43.70
CA ALA A 179 -4.31 -16.07 43.33
C ALA A 179 -4.54 -16.82 42.02
N LEU A 180 -3.61 -16.69 41.05
CA LEU A 180 -3.78 -17.32 39.75
C LEU A 180 -3.40 -18.80 39.75
N ALA A 181 -2.69 -19.26 40.80
CA ALA A 181 -2.08 -20.58 40.84
C ALA A 181 -2.98 -21.58 41.56
N GLY A 182 -4.15 -21.15 42.05
CA GLY A 182 -4.97 -21.99 42.93
C GLY A 182 -5.66 -23.15 42.21
N PRO A 183 -6.24 -24.12 42.95
CA PRO A 183 -6.79 -25.34 42.35
C PRO A 183 -7.99 -25.19 41.42
N GLU A 184 -8.81 -24.16 41.63
CA GLU A 184 -9.98 -23.89 40.80
C GLU A 184 -9.70 -22.80 39.77
N ALA A 185 -8.44 -22.31 39.67
CA ALA A 185 -8.14 -21.13 38.88
C ALA A 185 -8.41 -21.36 37.39
N GLU A 186 -8.01 -22.53 36.88
CA GLU A 186 -8.17 -22.83 35.47
C GLU A 186 -9.66 -22.95 35.13
N THR A 187 -10.41 -23.73 35.94
CA THR A 187 -11.86 -23.86 35.76
C THR A 187 -12.55 -22.50 35.79
N HIS A 188 -12.22 -21.64 36.76
CA HIS A 188 -12.79 -20.30 36.86
C HIS A 188 -12.43 -19.47 35.62
N LEU A 189 -11.17 -19.56 35.16
CA LEU A 189 -10.72 -18.79 34.01
C LEU A 189 -11.40 -19.25 32.73
N ARG A 190 -11.70 -20.54 32.60
CA ARG A 190 -12.47 -21.03 31.46
C ARG A 190 -13.90 -20.49 31.48
N LYS A 191 -14.50 -20.35 32.67
CA LYS A 191 -15.82 -19.73 32.82
C LYS A 191 -15.76 -18.28 32.30
N LEU A 192 -14.62 -17.59 32.50
CA LEU A 192 -14.47 -16.22 32.06
C LEU A 192 -14.08 -16.10 30.59
N GLY A 193 -14.06 -17.22 29.87
CA GLY A 193 -13.89 -17.19 28.42
C GLY A 193 -12.45 -17.27 27.93
N LEU A 194 -11.47 -17.70 28.75
CA LEU A 194 -10.07 -17.68 28.29
C LEU A 194 -9.74 -18.89 27.44
N GLY A 195 -10.59 -19.93 27.47
CA GLY A 195 -10.31 -21.13 26.71
C GLY A 195 -9.04 -21.83 27.18
N TYR A 196 -8.28 -22.41 26.24
CA TYR A 196 -7.03 -23.11 26.50
C TYR A 196 -6.02 -22.22 27.23
N ARG A 197 -6.18 -20.89 27.14
CA ARG A 197 -5.22 -19.96 27.70
C ARG A 197 -5.30 -19.98 29.24
N ALA A 198 -6.48 -20.38 29.76
CA ALA A 198 -6.70 -20.57 31.19
C ALA A 198 -5.68 -21.53 31.77
N ARG A 199 -5.36 -22.59 31.01
CA ARG A 199 -4.42 -23.60 31.49
C ARG A 199 -3.05 -22.98 31.67
N TYR A 200 -2.63 -22.20 30.66
CA TYR A 200 -1.31 -21.61 30.66
C TYR A 200 -1.16 -20.56 31.77
N VAL A 201 -2.22 -19.80 32.03
CA VAL A 201 -2.22 -18.82 33.09
C VAL A 201 -1.95 -19.53 34.43
N ARG A 202 -2.78 -20.52 34.76
CA ARG A 202 -2.66 -21.22 36.02
C ARG A 202 -1.28 -21.88 36.13
N ALA A 203 -0.82 -22.53 35.06
CA ALA A 203 0.39 -23.34 35.12
C ALA A 203 1.64 -22.44 35.14
N SER A 204 1.61 -21.29 34.45
CA SER A 204 2.73 -20.35 34.54
C SER A 204 2.79 -19.68 35.91
N ALA A 205 1.64 -19.38 36.53
CA ALA A 205 1.65 -18.83 37.88
C ALA A 205 2.30 -19.85 38.83
N LYS A 206 1.88 -21.10 38.70
CA LYS A 206 2.35 -22.20 39.53
C LYS A 206 3.84 -22.41 39.31
N ALA A 207 4.28 -22.41 38.03
CA ALA A 207 5.68 -22.59 37.68
C ALA A 207 6.54 -21.50 38.29
N ILE A 208 6.13 -20.24 38.20
CA ILE A 208 6.96 -19.17 38.72
C ILE A 208 7.06 -19.28 40.24
N LEU A 209 5.97 -19.63 40.91
CA LEU A 209 5.96 -19.75 42.36
C LEU A 209 6.83 -20.93 42.82
N GLU A 210 6.66 -22.09 42.19
CA GLU A 210 7.20 -23.36 42.69
C GLU A 210 8.58 -23.61 42.11
N GLU A 211 8.79 -23.30 40.84
CA GLU A 211 10.08 -23.64 40.20
C GLU A 211 11.05 -22.44 40.18
N GLN A 212 10.55 -21.20 40.24
CA GLN A 212 11.46 -20.03 40.06
C GLN A 212 11.53 -19.14 41.31
N GLY A 213 10.77 -19.45 42.35
CA GLY A 213 10.91 -18.69 43.60
C GLY A 213 10.10 -17.41 43.68
N GLY A 214 9.14 -17.24 42.79
CA GLY A 214 8.24 -16.09 42.92
C GLY A 214 8.54 -14.95 41.99
N PRO A 215 7.87 -13.79 42.20
CA PRO A 215 8.00 -12.66 41.29
C PRO A 215 9.36 -11.96 41.29
N ALA A 216 10.19 -12.22 42.31
CA ALA A 216 11.55 -11.71 42.30
C ALA A 216 12.29 -12.23 41.07
N TRP A 217 11.86 -13.40 40.55
CA TRP A 217 12.47 -13.97 39.36
C TRP A 217 12.28 -13.08 38.15
N LEU A 218 11.10 -12.47 37.98
CA LEU A 218 10.85 -11.58 36.83
C LEU A 218 11.71 -10.33 36.92
N GLN A 219 11.89 -9.79 38.12
CA GLN A 219 12.79 -8.66 38.36
C GLN A 219 14.24 -9.05 38.03
N GLN A 220 14.63 -10.29 38.35
CA GLN A 220 15.95 -10.79 37.99
C GLN A 220 16.10 -10.81 36.45
N LEU A 221 15.03 -11.18 35.71
CA LEU A 221 15.11 -11.21 34.25
C LEU A 221 15.21 -9.79 33.69
N ARG A 222 14.63 -8.81 34.39
CA ARG A 222 14.71 -7.42 33.97
C ARG A 222 16.16 -6.95 33.96
N VAL A 223 17.01 -7.47 34.88
CA VAL A 223 18.41 -7.05 34.98
C VAL A 223 19.31 -7.99 34.18
N ALA A 224 18.82 -9.21 33.88
CA ALA A 224 19.60 -10.16 33.12
C ALA A 224 19.71 -9.70 31.67
N PRO A 225 20.69 -10.22 30.89
CA PRO A 225 20.77 -9.92 29.47
C PRO A 225 19.62 -10.54 28.68
N TYR A 226 19.30 -9.90 27.56
CA TYR A 226 18.16 -10.19 26.71
C TYR A 226 18.09 -11.69 26.41
N GLU A 227 19.19 -12.27 25.94
CA GLU A 227 19.16 -13.65 25.46
C GLU A 227 18.85 -14.60 26.61
N GLU A 228 19.28 -14.25 27.83
CA GLU A 228 19.05 -15.06 29.01
C GLU A 228 17.58 -14.94 29.46
N ALA A 229 17.09 -13.70 29.51
CA ALA A 229 15.69 -13.42 29.83
C ALA A 229 14.74 -14.19 28.90
N HIS A 230 15.00 -14.09 27.59
CA HIS A 230 14.16 -14.69 26.56
C HIS A 230 14.08 -16.21 26.74
N LYS A 231 15.25 -16.82 26.90
CA LYS A 231 15.38 -18.26 27.11
C LYS A 231 14.61 -18.68 28.37
N ALA A 232 14.75 -17.90 29.45
CA ALA A 232 14.09 -18.21 30.71
C ALA A 232 12.56 -18.14 30.57
N LEU A 233 12.04 -17.10 29.91
CA LEU A 233 10.60 -16.96 29.70
C LEU A 233 10.04 -18.12 28.89
N CYS A 234 10.81 -18.61 27.92
CA CYS A 234 10.38 -19.68 27.04
C CYS A 234 10.27 -21.04 27.76
N THR A 235 10.73 -21.15 29.00
CA THR A 235 10.44 -22.34 29.79
C THR A 235 9.00 -22.35 30.35
N LEU A 236 8.28 -21.21 30.30
CA LEU A 236 6.96 -21.14 30.91
C LEU A 236 5.89 -21.70 29.99
N PRO A 237 4.86 -22.39 30.54
CA PRO A 237 3.71 -22.81 29.74
C PRO A 237 3.01 -21.67 29.00
N GLY A 238 2.91 -21.83 27.66
CA GLY A 238 2.18 -20.89 26.83
C GLY A 238 3.03 -19.71 26.38
N VAL A 239 4.31 -19.67 26.80
CA VAL A 239 5.25 -18.65 26.39
C VAL A 239 6.26 -19.24 25.41
N GLY A 240 6.12 -18.82 24.14
CA GLY A 240 7.11 -19.12 23.13
C GLY A 240 7.87 -17.85 22.76
N ALA A 241 8.61 -17.94 21.66
CA ALA A 241 9.58 -16.93 21.28
C ALA A 241 8.91 -15.57 21.09
N LYS A 242 7.75 -15.55 20.44
CA LYS A 242 7.05 -14.31 20.14
C LYS A 242 6.58 -13.63 21.43
N VAL A 243 5.88 -14.38 22.28
CA VAL A 243 5.38 -13.85 23.55
C VAL A 243 6.54 -13.39 24.46
N ALA A 244 7.61 -14.22 24.52
CA ALA A 244 8.79 -13.89 25.30
C ALA A 244 9.40 -12.58 24.85
N ASP A 245 9.43 -12.33 23.54
CA ASP A 245 9.95 -11.07 23.02
C ASP A 245 9.05 -9.89 23.33
N CYS A 246 7.73 -10.09 23.30
CA CYS A 246 6.85 -9.01 23.74
C CYS A 246 7.18 -8.59 25.18
N ILE A 247 7.32 -9.58 26.07
CA ILE A 247 7.58 -9.32 27.49
C ILE A 247 8.96 -8.69 27.67
N CYS A 248 9.97 -9.20 26.95
CA CYS A 248 11.30 -8.63 26.98
C CYS A 248 11.24 -7.14 26.66
N LEU A 249 10.57 -6.81 25.53
CA LEU A 249 10.49 -5.45 25.03
C LEU A 249 9.69 -4.55 25.96
N MET A 250 8.61 -5.10 26.51
CA MET A 250 7.56 -4.26 27.07
C MET A 250 7.67 -4.16 28.59
N ALA A 251 8.40 -5.09 29.23
CA ALA A 251 8.44 -5.16 30.68
C ALA A 251 9.84 -5.49 31.23
N LEU A 252 10.76 -6.03 30.44
CA LEU A 252 12.07 -6.40 30.98
C LEU A 252 13.18 -5.51 30.45
N ASP A 253 12.84 -4.33 29.90
CA ASP A 253 13.83 -3.34 29.53
C ASP A 253 14.82 -3.91 28.49
N LYS A 254 14.30 -4.63 27.50
CA LYS A 254 15.11 -5.09 26.37
C LYS A 254 14.60 -4.40 25.11
N PRO A 255 15.04 -3.16 24.83
CA PRO A 255 14.51 -2.40 23.69
C PRO A 255 14.87 -2.97 22.32
N GLN A 256 15.82 -3.92 22.29
CA GLN A 256 16.27 -4.53 21.04
C GLN A 256 15.42 -5.75 20.68
N ALA A 257 14.58 -6.20 21.64
CA ALA A 257 13.72 -7.35 21.42
C ALA A 257 12.72 -7.03 20.32
N VAL A 258 12.63 -7.91 19.30
CA VAL A 258 11.76 -7.70 18.16
C VAL A 258 10.85 -8.92 18.00
N PRO A 259 9.59 -8.83 18.46
CA PRO A 259 8.64 -9.94 18.33
C PRO A 259 8.26 -10.22 16.88
N VAL A 260 8.49 -11.45 16.45
CA VAL A 260 8.27 -11.86 15.08
C VAL A 260 7.08 -12.82 15.04
N ASP A 261 6.09 -12.44 14.21
CA ASP A 261 4.97 -13.28 13.81
C ASP A 261 4.79 -13.12 12.31
N VAL A 262 3.66 -13.64 11.79
CA VAL A 262 3.44 -13.71 10.36
C VAL A 262 3.23 -12.29 9.81
N HIS A 263 2.68 -11.39 10.62
CA HIS A 263 2.48 -10.01 10.19
C HIS A 263 3.82 -9.32 9.97
N VAL A 264 4.84 -9.61 10.81
CA VAL A 264 6.12 -8.94 10.60
C VAL A 264 6.79 -9.53 9.35
N TRP A 265 6.61 -10.82 9.09
CA TRP A 265 7.07 -11.44 7.86
C TRP A 265 6.52 -10.73 6.63
N GLN A 266 5.21 -10.50 6.64
CA GLN A 266 4.49 -9.87 5.55
C GLN A 266 5.09 -8.50 5.26
N ILE A 267 5.26 -7.68 6.31
CA ILE A 267 5.79 -6.34 6.21
C ILE A 267 7.23 -6.40 5.70
N ALA A 268 8.06 -7.25 6.30
CA ALA A 268 9.46 -7.36 5.93
C ALA A 268 9.59 -7.73 4.46
N HIS A 269 8.79 -8.69 4.00
CA HIS A 269 8.86 -9.16 2.62
C HIS A 269 8.31 -8.07 1.69
N ARG A 270 7.13 -7.55 1.99
CA ARG A 270 6.47 -6.57 1.12
C ARG A 270 7.24 -5.26 1.08
N ASP A 271 7.59 -4.70 2.25
CA ASP A 271 8.08 -3.33 2.35
C ASP A 271 9.61 -3.25 2.38
N TYR A 272 10.30 -4.35 2.73
CA TYR A 272 11.74 -4.35 2.82
C TYR A 272 12.37 -5.31 1.81
N GLY A 273 11.57 -6.11 1.09
CA GLY A 273 12.10 -7.05 0.12
C GLY A 273 12.87 -8.20 0.77
N TRP A 274 12.53 -8.52 2.02
CA TRP A 274 13.31 -9.50 2.76
C TRP A 274 12.84 -10.91 2.41
N HIS A 275 13.82 -11.80 2.25
CA HIS A 275 13.60 -13.23 2.13
C HIS A 275 14.63 -13.94 3.01
N PRO A 276 14.32 -15.13 3.56
CA PRO A 276 15.24 -15.83 4.46
C PRO A 276 16.54 -16.34 3.84
N SER A 285 9.24 -20.32 10.17
CA SER A 285 9.87 -21.34 11.05
C SER A 285 10.58 -20.65 12.21
N PRO A 286 10.92 -21.39 13.30
CA PRO A 286 11.76 -20.84 14.38
C PRO A 286 13.06 -20.18 13.94
N LEU A 287 13.78 -20.79 12.98
CA LEU A 287 15.09 -20.33 12.59
C LEU A 287 14.99 -19.05 11.75
N ALA A 288 14.01 -19.01 10.84
CA ALA A 288 13.85 -17.86 9.97
C ALA A 288 13.26 -16.68 10.74
N ASN A 289 12.40 -16.98 11.72
CA ASN A 289 11.84 -15.95 12.61
C ASN A 289 12.96 -15.26 13.38
N LYS A 290 13.93 -16.04 13.87
CA LYS A 290 15.07 -15.52 14.59
C LYS A 290 15.92 -14.64 13.66
N GLU A 291 16.17 -15.14 12.45
CA GLU A 291 16.89 -14.42 11.43
C GLU A 291 16.19 -13.09 11.12
N LEU A 292 14.85 -13.04 11.12
CA LEU A 292 14.17 -11.81 10.78
C LEU A 292 14.32 -10.80 11.92
N GLY A 293 14.26 -11.27 13.17
CA GLY A 293 14.53 -10.40 14.30
C GLY A 293 15.93 -9.80 14.24
N ASN A 294 16.92 -10.63 13.87
CA ASN A 294 18.29 -10.18 13.68
C ASN A 294 18.38 -9.13 12.57
N PHE A 295 17.65 -9.32 11.47
CA PHE A 295 17.62 -8.37 10.37
C PHE A 295 17.25 -6.97 10.87
N PHE A 296 16.17 -6.86 11.65
CA PHE A 296 15.68 -5.58 12.12
C PHE A 296 16.60 -4.96 13.17
N ARG A 297 17.21 -5.79 14.06
CA ARG A 297 18.22 -5.27 14.96
C ARG A 297 19.41 -4.71 14.18
N ASN A 298 19.90 -5.45 13.18
CA ASN A 298 21.03 -4.99 12.36
C ASN A 298 20.68 -3.67 11.66
N LEU A 299 19.44 -3.52 11.20
CA LEU A 299 19.02 -2.30 10.51
C LEU A 299 18.85 -1.13 11.47
N TRP A 300 18.06 -1.31 12.54
CA TRP A 300 17.62 -0.17 13.34
C TRP A 300 18.51 0.07 14.56
N GLY A 301 19.18 -0.99 15.03
CA GLY A 301 20.04 -0.88 16.18
C GLY A 301 19.40 -1.32 17.48
N PRO A 302 19.93 -0.85 18.63
CA PRO A 302 19.58 -1.40 19.94
C PRO A 302 18.21 -1.01 20.50
N TYR A 303 17.46 -0.14 19.78
CA TYR A 303 16.06 0.13 20.08
C TYR A 303 15.11 -0.38 18.97
N ALA A 304 15.53 -1.45 18.29
CA ALA A 304 14.79 -2.05 17.18
C ALA A 304 13.32 -2.34 17.51
N GLY A 305 13.04 -2.83 18.72
CA GLY A 305 11.68 -3.17 19.11
C GLY A 305 10.79 -1.94 19.23
N TRP A 306 11.38 -0.81 19.66
CA TRP A 306 10.67 0.46 19.68
C TRP A 306 10.31 0.90 18.26
N ALA A 307 11.21 0.68 17.30
CA ALA A 307 10.94 1.06 15.92
C ALA A 307 9.77 0.23 15.39
N GLN A 308 9.80 -1.07 15.67
CA GLN A 308 8.73 -1.97 15.25
C GLN A 308 7.38 -1.52 15.85
N ALA A 309 7.40 -1.01 17.07
CA ALA A 309 6.18 -0.56 17.72
C ALA A 309 5.56 0.59 16.92
N VAL A 310 6.41 1.49 16.40
CA VAL A 310 5.93 2.58 15.56
C VAL A 310 5.19 2.01 14.35
N LEU A 311 5.81 1.06 13.64
CA LEU A 311 5.19 0.46 12.48
C LEU A 311 3.89 -0.28 12.85
N PHE A 312 3.89 -1.01 13.97
CA PHE A 312 2.71 -1.72 14.44
C PHE A 312 1.56 -0.74 14.69
N SER A 313 1.86 0.36 15.39
CA SER A 313 0.87 1.34 15.80
C SER A 313 0.45 2.22 14.63
N ALA A 314 1.31 2.29 13.59
CA ALA A 314 0.98 2.98 12.36
C ALA A 314 0.04 2.12 11.52
N ASP A 315 0.22 0.79 11.59
CA ASP A 315 -0.61 -0.12 10.82
C ASP A 315 -2.01 -0.22 11.44
N LEU A 316 -2.14 -0.15 12.78
CA LEU A 316 -3.45 -0.11 13.40
C LEU A 316 -4.26 1.05 12.79
N HIS B 3 17.76 47.97 -4.52
CA HIS B 3 17.80 46.74 -5.35
C HIS B 3 16.37 46.33 -5.73
N MET B 4 16.20 45.08 -6.14
CA MET B 4 15.05 44.66 -6.93
C MET B 4 14.26 43.62 -6.13
N ARG B 5 13.07 43.26 -6.63
CA ARG B 5 12.21 42.31 -5.95
C ARG B 5 11.81 41.16 -6.87
N HIS B 6 11.33 40.07 -6.25
CA HIS B 6 10.86 38.90 -6.98
C HIS B 6 9.55 39.25 -7.69
N ARG B 7 9.55 39.14 -9.02
CA ARG B 7 8.37 39.41 -9.83
C ARG B 7 7.28 38.38 -9.48
N CYS B 21 1.49 25.66 -23.35
CA CYS B 21 1.87 24.48 -22.54
C CYS B 21 0.73 24.07 -21.61
N PRO B 22 -0.05 23.02 -21.99
CA PRO B 22 -1.09 22.49 -21.10
C PRO B 22 -0.45 22.00 -19.80
N ARG B 23 -1.17 22.15 -18.69
CA ARG B 23 -0.72 21.65 -17.39
C ARG B 23 -0.67 20.11 -17.37
N SER B 24 -1.31 19.48 -18.36
CA SER B 24 -1.14 18.05 -18.58
C SER B 24 0.26 17.70 -19.11
N GLU B 25 0.92 18.66 -19.79
CA GLU B 25 2.23 18.45 -20.38
C GLU B 25 3.37 18.83 -19.42
N LEU B 26 3.09 19.70 -18.44
CA LEU B 26 4.09 20.14 -17.47
C LEU B 26 3.40 20.71 -16.23
N ARG B 27 3.67 20.11 -15.07
CA ARG B 27 3.36 20.73 -13.79
C ARG B 27 4.65 21.17 -13.11
N LEU B 28 4.87 22.50 -13.04
CA LEU B 28 6.06 23.08 -12.44
C LEU B 28 6.29 22.48 -11.05
N ASP B 29 5.21 22.40 -10.28
CA ASP B 29 5.30 22.06 -8.86
C ASP B 29 5.63 20.58 -8.65
N LEU B 30 5.58 19.75 -9.71
CA LEU B 30 5.99 18.35 -9.61
C LEU B 30 7.37 18.13 -10.24
N VAL B 31 7.92 19.14 -10.90
CA VAL B 31 9.14 18.95 -11.67
C VAL B 31 10.32 19.69 -11.03
N LEU B 32 10.11 20.94 -10.56
CA LEU B 32 11.22 21.84 -10.27
C LEU B 32 11.90 21.56 -8.93
N ALA B 33 11.20 20.98 -7.95
CA ALA B 33 11.81 20.64 -6.67
C ALA B 33 11.58 19.18 -6.31
N SER B 34 11.61 18.33 -7.36
CA SER B 34 11.36 16.88 -7.23
C SER B 34 12.62 16.04 -7.43
N GLY B 35 13.81 16.55 -7.13
CA GLY B 35 15.01 15.69 -7.21
C GLY B 35 15.69 15.64 -8.57
N GLN B 36 15.34 16.54 -9.47
CA GLN B 36 16.04 16.64 -10.77
C GLN B 36 16.95 17.86 -10.69
N SER B 37 16.37 19.04 -10.46
CA SER B 37 17.18 20.27 -10.24
C SER B 37 17.07 20.64 -8.76
N PHE B 38 18.10 21.25 -8.31
N PHE B 38 18.09 21.30 -8.24
CA PHE B 38 18.12 21.63 -6.90
CA PHE B 38 18.10 21.70 -6.81
C PHE B 38 18.21 23.17 -6.78
C PHE B 38 18.29 23.21 -6.78
N ARG B 39 17.90 23.88 -7.86
CA ARG B 39 18.15 25.32 -7.93
C ARG B 39 16.87 26.14 -8.10
N TRP B 40 15.68 25.52 -7.94
CA TRP B 40 14.42 26.24 -8.08
C TRP B 40 13.74 26.35 -6.74
N LYS B 41 13.20 27.53 -6.43
CA LYS B 41 12.47 27.72 -5.19
C LYS B 41 11.24 28.57 -5.45
N GLU B 42 10.15 28.22 -4.76
CA GLU B 42 8.89 28.92 -4.82
C GLU B 42 8.97 30.12 -3.87
N GLN B 43 9.51 31.24 -4.36
CA GLN B 43 9.81 32.41 -3.54
C GLN B 43 8.52 33.11 -3.11
N SER B 44 7.51 33.08 -3.98
CA SER B 44 6.14 33.38 -3.57
C SER B 44 5.21 32.35 -4.20
N PRO B 45 3.98 32.15 -3.63
CA PRO B 45 3.04 31.14 -4.16
C PRO B 45 2.92 31.09 -5.68
N ALA B 46 3.11 29.88 -6.25
CA ALA B 46 2.92 29.58 -7.66
C ALA B 46 4.03 30.17 -8.53
N HIS B 47 5.06 30.77 -7.90
CA HIS B 47 6.12 31.45 -8.63
C HIS B 47 7.47 30.81 -8.28
N TRP B 48 8.12 30.24 -9.30
CA TRP B 48 9.35 29.47 -9.12
C TRP B 48 10.51 30.28 -9.64
N SER B 49 11.50 30.51 -8.77
CA SER B 49 12.62 31.36 -9.21
C SER B 49 13.93 30.59 -9.08
N GLY B 50 14.73 30.64 -10.14
CA GLY B 50 16.01 29.92 -10.12
C GLY B 50 16.91 30.39 -11.23
N VAL B 51 18.13 29.86 -11.24
CA VAL B 51 19.15 30.30 -12.21
C VAL B 51 19.25 29.30 -13.35
N LEU B 52 19.30 29.80 -14.57
CA LEU B 52 19.55 28.94 -15.73
C LEU B 52 20.63 29.65 -16.54
N ALA B 53 21.79 29.06 -16.63
CA ALA B 53 22.88 29.62 -17.45
C ALA B 53 23.15 31.09 -17.12
N ASP B 54 23.65 31.37 -15.93
CA ASP B 54 24.08 32.77 -15.62
C ASP B 54 22.94 33.77 -15.84
N GLN B 55 21.70 33.34 -15.66
CA GLN B 55 20.53 34.26 -15.72
C GLN B 55 19.49 33.73 -14.75
N VAL B 56 18.77 34.63 -14.08
CA VAL B 56 17.71 34.22 -13.16
C VAL B 56 16.38 34.30 -13.89
N TRP B 57 15.50 33.32 -13.61
CA TRP B 57 14.14 33.27 -14.14
C TRP B 57 13.16 33.14 -12.99
N THR B 58 11.95 33.68 -13.20
CA THR B 58 10.78 33.28 -12.43
C THR B 58 9.78 32.67 -13.42
N LEU B 59 9.19 31.53 -13.02
CA LEU B 59 8.26 30.77 -13.85
C LEU B 59 6.96 30.60 -13.08
N THR B 60 5.84 30.78 -13.81
CA THR B 60 4.52 30.39 -13.35
C THR B 60 3.72 29.91 -14.55
N GLN B 61 2.57 29.29 -14.30
CA GLN B 61 1.73 28.76 -15.37
C GLN B 61 0.25 28.88 -15.03
N THR B 62 -0.45 29.01 -16.14
CA THR B 62 -1.90 28.96 -16.16
C THR B 62 -1.99 27.72 -17.02
N GLU B 63 -3.16 27.07 -17.08
CA GLU B 63 -3.35 25.75 -17.73
C GLU B 63 -2.96 25.71 -19.21
N ASP B 64 -3.03 26.83 -19.91
CA ASP B 64 -2.76 26.73 -21.37
C ASP B 64 -1.39 27.31 -21.71
N GLN B 65 -0.77 28.02 -20.76
CA GLN B 65 0.49 28.71 -21.14
C GLN B 65 1.51 28.72 -20.00
N LEU B 66 2.79 28.68 -20.35
CA LEU B 66 3.86 28.81 -19.32
C LEU B 66 4.48 30.20 -19.48
N TYR B 67 4.59 30.99 -18.41
CA TYR B 67 5.25 32.33 -18.54
C TYR B 67 6.73 32.25 -18.12
N CYS B 68 7.50 33.31 -18.39
CA CYS B 68 8.96 33.22 -18.16
C CYS B 68 9.64 34.53 -17.70
N THR B 69 9.14 35.21 -16.67
CA THR B 69 9.84 36.40 -16.13
C THR B 69 11.35 36.13 -16.02
N VAL B 70 12.19 36.99 -16.63
CA VAL B 70 13.68 36.78 -16.62
C VAL B 70 14.38 38.04 -16.06
N TYR B 71 15.25 37.86 -15.06
CA TYR B 71 15.98 39.00 -14.45
C TYR B 71 17.43 38.97 -14.92
N ARG B 72 17.87 40.06 -15.54
CA ARG B 72 19.25 40.13 -16.06
C ARG B 72 20.05 41.14 -15.22
N GLY B 73 21.35 40.93 -15.04
CA GLY B 73 22.14 41.81 -14.17
C GLY B 73 22.53 43.11 -14.86
N ASP B 74 23.25 43.01 -15.97
CA ASP B 74 23.76 44.23 -16.67
C ASP B 74 22.64 44.90 -17.45
N ASP B 75 21.63 44.14 -17.89
CA ASP B 75 20.53 44.71 -18.72
C ASP B 75 20.09 46.05 -18.13
N SER B 76 20.06 46.18 -16.81
CA SER B 76 19.72 47.50 -16.19
C SER B 76 18.46 48.04 -16.86
N GLN B 77 17.73 47.17 -17.55
CA GLN B 77 16.51 47.60 -18.27
C GLN B 77 15.47 46.51 -18.08
N VAL B 78 14.65 46.66 -17.04
CA VAL B 78 13.64 45.62 -16.72
C VAL B 78 12.83 45.36 -18.00
N SER B 79 12.84 44.12 -18.46
CA SER B 79 12.11 43.73 -19.69
C SER B 79 11.31 42.47 -19.37
N ARG B 80 10.33 42.12 -20.20
CA ARG B 80 9.63 40.83 -20.02
C ARG B 80 10.44 39.77 -20.76
N PRO B 81 10.25 38.47 -20.49
CA PRO B 81 11.05 37.42 -21.10
C PRO B 81 11.26 37.55 -22.61
N THR B 82 12.50 37.39 -23.09
CA THR B 82 12.70 37.40 -24.56
C THR B 82 12.32 36.06 -25.14
N LEU B 83 11.79 36.04 -26.36
CA LEU B 83 11.54 34.75 -27.04
C LEU B 83 12.87 34.21 -27.53
N GLU B 84 13.80 35.09 -27.90
CA GLU B 84 15.06 34.63 -28.54
C GLU B 84 15.78 33.66 -27.60
N GLU B 85 15.36 33.64 -26.34
CA GLU B 85 15.94 32.70 -25.36
C GLU B 85 14.85 31.74 -24.93
N LEU B 86 13.62 31.97 -25.36
CA LEU B 86 12.56 30.99 -25.06
C LEU B 86 12.93 29.68 -25.74
N GLU B 87 13.70 29.76 -26.82
CA GLU B 87 14.23 28.54 -27.47
C GLU B 87 15.07 27.77 -26.44
N THR B 88 15.45 28.42 -25.34
CA THR B 88 16.17 27.77 -24.23
C THR B 88 15.15 27.15 -23.28
N LEU B 89 14.11 27.88 -22.87
CA LEU B 89 13.17 27.38 -21.91
C LEU B 89 12.36 26.21 -22.51
N HIS B 90 11.99 26.33 -23.79
CA HIS B 90 11.33 25.25 -24.52
C HIS B 90 12.18 23.98 -24.52
N LYS B 91 13.50 24.15 -24.70
CA LYS B 91 14.43 23.04 -24.73
C LYS B 91 14.65 22.44 -23.34
N TYR B 92 14.74 23.31 -22.32
CA TYR B 92 14.91 22.93 -20.93
C TYR B 92 13.79 22.02 -20.46
N PHE B 93 12.55 22.31 -20.88
CA PHE B 93 11.40 21.49 -20.50
C PHE B 93 11.10 20.42 -21.56
N GLN B 94 11.93 20.36 -22.61
CA GLN B 94 11.86 19.35 -23.66
C GLN B 94 10.44 19.26 -24.22
N LEU B 95 9.84 20.41 -24.55
CA LEU B 95 8.39 20.47 -24.72
C LEU B 95 7.94 19.83 -26.04
N ASP B 96 8.89 19.61 -26.95
CA ASP B 96 8.71 18.82 -28.16
C ASP B 96 8.17 17.43 -27.86
N VAL B 97 8.65 16.83 -26.75
CA VAL B 97 8.27 15.47 -26.38
C VAL B 97 6.85 15.52 -25.82
N SER B 98 5.97 14.65 -26.34
CA SER B 98 4.57 14.63 -25.91
C SER B 98 4.37 13.69 -24.73
N LEU B 99 4.01 14.27 -23.59
CA LEU B 99 3.82 13.54 -22.36
C LEU B 99 2.50 12.78 -22.37
N ALA B 100 1.48 13.33 -23.04
CA ALA B 100 0.21 12.63 -23.16
C ALA B 100 0.40 11.28 -23.86
N GLN B 101 1.22 11.26 -24.92
CA GLN B 101 1.49 10.06 -25.67
C GLN B 101 2.33 9.07 -24.87
N LEU B 102 3.28 9.57 -24.06
CA LEU B 102 4.12 8.68 -23.25
C LEU B 102 3.27 8.05 -22.14
N TYR B 103 2.50 8.88 -21.43
CA TYR B 103 1.64 8.39 -20.38
C TYR B 103 0.73 7.26 -20.86
N SER B 104 0.16 7.39 -22.07
CA SER B 104 -0.75 6.39 -22.61
C SER B 104 0.01 5.12 -23.01
N HIS B 105 1.23 5.26 -23.56
CA HIS B 105 2.04 4.09 -23.85
C HIS B 105 2.36 3.30 -22.59
N TRP B 106 2.75 4.01 -21.50
CA TRP B 106 3.12 3.37 -20.24
C TRP B 106 1.91 2.76 -19.56
N ALA B 107 0.78 3.48 -19.54
CA ALA B 107 -0.46 2.97 -18.97
C ALA B 107 -0.89 1.66 -19.65
N SER B 108 -0.68 1.57 -20.97
CA SER B 108 -1.16 0.45 -21.77
C SER B 108 -0.37 -0.81 -21.49
N VAL B 109 0.87 -0.70 -20.99
CA VAL B 109 1.72 -1.86 -20.79
C VAL B 109 1.89 -2.17 -19.30
N ASP B 110 1.29 -1.35 -18.43
CA ASP B 110 1.61 -1.38 -17.00
C ASP B 110 0.42 -0.79 -16.24
N SER B 111 -0.38 -1.67 -15.62
CA SER B 111 -1.59 -1.25 -14.93
C SER B 111 -1.26 -0.61 -13.59
N HIS B 112 -0.10 -0.94 -13.01
CA HIS B 112 0.36 -0.27 -11.81
C HIS B 112 0.57 1.20 -12.11
N PHE B 113 1.27 1.50 -13.22
CA PHE B 113 1.51 2.87 -13.66
C PHE B 113 0.18 3.58 -13.91
N GLN B 114 -0.76 2.90 -14.58
CA GLN B 114 -2.06 3.47 -14.87
C GLN B 114 -2.73 3.98 -13.59
N ARG B 115 -2.78 3.15 -12.54
CA ARG B 115 -3.41 3.51 -11.27
C ARG B 115 -2.75 4.75 -10.66
N VAL B 116 -1.42 4.73 -10.60
CA VAL B 116 -0.62 5.69 -9.85
C VAL B 116 -0.53 7.04 -10.58
N ALA B 117 -0.46 7.00 -11.92
CA ALA B 117 -0.20 8.19 -12.71
C ALA B 117 -1.43 9.10 -12.86
N GLN B 118 -2.54 8.73 -12.23
CA GLN B 118 -3.81 9.42 -12.41
C GLN B 118 -3.69 10.89 -11.97
N LYS B 119 -3.30 11.12 -10.70
CA LYS B 119 -3.24 12.46 -10.14
C LYS B 119 -1.97 13.22 -10.57
N PHE B 120 -1.01 12.54 -11.22
CA PHE B 120 0.34 13.07 -11.33
C PHE B 120 0.70 13.20 -12.80
N GLN B 121 -0.09 14.05 -13.46
CA GLN B 121 0.15 14.44 -14.84
C GLN B 121 1.21 15.54 -14.85
N GLY B 122 1.88 15.69 -16.00
CA GLY B 122 2.77 16.81 -16.22
C GLY B 122 4.15 16.63 -15.57
N VAL B 123 4.50 15.37 -15.20
CA VAL B 123 5.83 15.06 -14.74
C VAL B 123 6.71 14.73 -15.94
N ARG B 124 7.63 15.63 -16.26
CA ARG B 124 8.61 15.40 -17.31
C ARG B 124 10.01 15.62 -16.77
N LEU B 125 10.99 15.26 -17.61
CA LEU B 125 12.40 15.43 -17.30
C LEU B 125 12.89 16.74 -17.89
N LEU B 126 13.53 17.53 -17.02
CA LEU B 126 14.28 18.69 -17.44
C LEU B 126 15.48 18.22 -18.24
N ARG B 127 15.91 19.07 -19.17
CA ARG B 127 17.15 18.86 -19.89
C ARG B 127 18.17 19.81 -19.29
N GLN B 128 19.03 19.27 -18.40
CA GLN B 128 19.84 20.10 -17.54
C GLN B 128 21.21 20.23 -18.18
N ASP B 129 21.92 21.30 -17.83
CA ASP B 129 23.31 21.48 -18.22
C ASP B 129 24.14 20.34 -17.63
N PRO B 130 24.99 19.64 -18.41
CA PRO B 130 25.79 18.53 -17.91
C PRO B 130 26.67 18.83 -16.69
N THR B 131 27.34 20.01 -16.69
CA THR B 131 28.21 20.37 -15.57
C THR B 131 27.40 20.43 -14.28
N GLU B 132 26.31 21.21 -14.32
CA GLU B 132 25.49 21.39 -13.14
C GLU B 132 24.96 20.04 -12.66
N CYS B 133 24.47 19.23 -13.59
CA CYS B 133 23.89 17.94 -13.25
C CYS B 133 24.95 17.05 -12.59
N LEU B 134 26.14 16.95 -13.21
CA LEU B 134 27.18 16.08 -12.71
C LEU B 134 27.52 16.42 -11.26
N PHE B 135 27.81 17.70 -10.99
CA PHE B 135 28.27 18.08 -9.67
C PHE B 135 27.11 18.09 -8.67
N SER B 136 25.88 18.39 -9.11
CA SER B 136 24.75 18.30 -8.20
C SER B 136 24.57 16.85 -7.76
N PHE B 137 24.71 15.88 -8.67
CA PHE B 137 24.49 14.48 -8.33
C PHE B 137 25.68 13.87 -7.59
N ILE B 138 26.89 14.39 -7.79
CA ILE B 138 28.00 14.03 -6.91
C ILE B 138 27.67 14.43 -5.46
N CYS B 139 26.98 15.56 -5.26
CA CYS B 139 26.55 16.00 -3.94
C CYS B 139 25.37 15.20 -3.38
N SER B 140 24.75 14.32 -4.18
CA SER B 140 23.49 13.66 -3.85
C SER B 140 23.65 12.36 -3.06
N SER B 141 24.88 11.80 -3.03
CA SER B 141 25.26 10.63 -2.23
C SER B 141 24.76 10.69 -0.80
N ASN B 142 24.09 9.63 -0.30
CA ASN B 142 23.59 9.55 1.06
C ASN B 142 22.98 10.87 1.52
N ASN B 143 22.07 11.40 0.72
CA ASN B 143 21.59 12.75 0.96
C ASN B 143 20.11 12.83 0.62
N ASN B 144 19.44 13.92 1.03
CA ASN B 144 18.03 14.15 0.70
C ASN B 144 17.91 15.47 -0.05
N ILE B 145 16.72 15.78 -0.60
CA ILE B 145 16.53 16.93 -1.48
C ILE B 145 16.93 18.23 -0.78
N ALA B 146 16.43 18.45 0.44
CA ALA B 146 16.63 19.71 1.16
C ALA B 146 18.11 19.97 1.44
N ARG B 147 18.86 18.93 1.82
CA ARG B 147 20.28 19.06 2.14
C ARG B 147 21.12 19.29 0.88
N ILE B 148 20.81 18.54 -0.19
CA ILE B 148 21.51 18.72 -1.45
C ILE B 148 21.29 20.15 -1.93
N THR B 149 20.06 20.63 -1.80
CA THR B 149 19.69 21.98 -2.19
C THR B 149 20.58 23.00 -1.47
N GLY B 150 20.81 22.79 -0.17
CA GLY B 150 21.69 23.64 0.62
C GLY B 150 23.14 23.60 0.11
N MET B 151 23.65 22.39 -0.11
CA MET B 151 25.03 22.19 -0.55
C MET B 151 25.29 22.86 -1.89
N VAL B 152 24.33 22.71 -2.83
CA VAL B 152 24.47 23.24 -4.17
C VAL B 152 24.50 24.76 -4.11
N GLU B 153 23.59 25.35 -3.34
CA GLU B 153 23.54 26.79 -3.15
C GLU B 153 24.87 27.31 -2.58
N ARG B 154 25.43 26.67 -1.54
CA ARG B 154 26.66 27.18 -0.96
C ARG B 154 27.83 26.98 -1.92
N LEU B 155 27.81 25.90 -2.69
CA LEU B 155 28.80 25.65 -3.72
C LEU B 155 28.80 26.78 -4.77
N CYS B 156 27.60 27.21 -5.16
CA CYS B 156 27.48 28.25 -6.21
C CYS B 156 27.89 29.61 -5.63
N GLN B 157 27.50 29.89 -4.39
CA GLN B 157 27.86 31.18 -3.74
C GLN B 157 29.36 31.30 -3.59
N ALA B 158 30.05 30.19 -3.35
CA ALA B 158 31.50 30.24 -3.08
C ALA B 158 32.33 30.13 -4.36
N PHE B 159 31.80 29.51 -5.39
CA PHE B 159 32.64 29.24 -6.57
C PHE B 159 32.09 29.85 -7.86
N GLY B 160 30.83 30.27 -7.86
CA GLY B 160 30.20 30.72 -9.10
C GLY B 160 30.05 32.22 -9.15
N PRO B 161 29.86 32.82 -10.35
CA PRO B 161 29.76 34.27 -10.47
C PRO B 161 28.47 34.80 -9.86
N ARG B 162 28.60 35.92 -9.11
CA ARG B 162 27.44 36.58 -8.53
C ARG B 162 26.65 37.19 -9.69
N LEU B 163 25.32 36.98 -9.70
CA LEU B 163 24.52 37.42 -10.84
C LEU B 163 23.73 38.67 -10.44
N ILE B 164 22.94 38.56 -9.38
CA ILE B 164 21.92 39.53 -9.06
C ILE B 164 21.38 39.18 -7.69
N GLN B 165 20.82 40.21 -7.03
CA GLN B 165 20.07 40.06 -5.80
C GLN B 165 18.61 40.46 -6.03
N LEU B 166 17.70 39.61 -5.56
CA LEU B 166 16.27 39.87 -5.59
C LEU B 166 15.75 39.67 -4.19
N ASP B 167 15.09 40.68 -3.63
CA ASP B 167 14.75 40.68 -2.22
C ASP B 167 16.01 40.33 -1.43
N ASP B 168 15.95 39.34 -0.54
CA ASP B 168 17.08 38.94 0.28
C ASP B 168 17.91 37.80 -0.34
N VAL B 169 17.64 37.43 -1.61
CA VAL B 169 18.29 36.28 -2.21
C VAL B 169 19.34 36.74 -3.22
N THR B 170 20.60 36.33 -3.00
CA THR B 170 21.66 36.54 -3.98
C THR B 170 21.85 35.29 -4.85
N TYR B 171 21.76 35.47 -6.16
CA TYR B 171 21.85 34.37 -7.11
C TYR B 171 23.26 34.32 -7.71
N HIS B 172 23.79 33.09 -7.81
CA HIS B 172 25.07 32.82 -8.45
C HIS B 172 24.89 31.83 -9.59
N GLY B 173 25.71 32.00 -10.63
CA GLY B 173 25.81 31.02 -11.70
C GLY B 173 26.45 29.72 -11.21
N PHE B 174 26.22 28.63 -11.93
CA PHE B 174 26.88 27.38 -11.58
C PHE B 174 28.37 27.54 -11.91
N PRO B 175 29.30 27.07 -11.05
CA PRO B 175 30.73 27.11 -11.35
C PRO B 175 31.17 26.34 -12.59
N ASN B 176 32.21 26.83 -13.24
CA ASN B 176 32.88 26.08 -14.29
C ASN B 176 33.84 25.09 -13.64
N LEU B 177 34.37 24.17 -14.43
CA LEU B 177 35.29 23.13 -13.97
C LEU B 177 36.56 23.75 -13.40
N HIS B 178 37.07 24.80 -14.06
CA HIS B 178 38.31 25.43 -13.66
C HIS B 178 38.17 25.91 -12.21
N ALA B 179 37.01 26.51 -11.89
CA ALA B 179 36.77 27.02 -10.55
C ALA B 179 36.76 25.89 -9.52
N LEU B 180 36.17 24.74 -9.87
CA LEU B 180 36.03 23.62 -8.94
C LEU B 180 37.30 22.78 -8.80
N ALA B 181 38.22 22.94 -9.77
CA ALA B 181 39.46 22.17 -9.85
C ALA B 181 40.61 22.89 -9.16
N GLY B 182 40.35 24.10 -8.65
CA GLY B 182 41.36 24.98 -8.10
C GLY B 182 41.96 24.46 -6.81
N PRO B 183 43.12 25.04 -6.39
CA PRO B 183 43.95 24.48 -5.33
C PRO B 183 43.32 24.35 -3.94
N GLU B 184 42.39 25.25 -3.59
CA GLU B 184 41.81 25.25 -2.26
C GLU B 184 40.40 24.62 -2.26
N ALA B 185 39.98 24.07 -3.40
CA ALA B 185 38.57 23.80 -3.63
C ALA B 185 38.01 22.76 -2.64
N GLU B 186 38.75 21.69 -2.37
CA GLU B 186 38.24 20.63 -1.51
C GLU B 186 38.13 21.13 -0.08
N THR B 187 39.18 21.78 0.41
CA THR B 187 39.21 22.35 1.75
C THR B 187 38.03 23.32 1.93
N HIS B 188 37.84 24.21 0.94
CA HIS B 188 36.76 25.18 0.98
C HIS B 188 35.40 24.47 0.98
N LEU B 189 35.26 23.44 0.14
CA LEU B 189 34.00 22.71 0.04
C LEU B 189 33.68 21.95 1.33
N ARG B 190 34.70 21.45 2.03
CA ARG B 190 34.47 20.81 3.33
C ARG B 190 33.99 21.83 4.36
N LYS B 191 34.51 23.07 4.29
CA LYS B 191 33.98 24.15 5.12
C LYS B 191 32.48 24.36 4.87
N LEU B 192 32.03 24.19 3.62
CA LEU B 192 30.64 24.40 3.24
C LEU B 192 29.75 23.20 3.56
N GLY B 193 30.30 22.16 4.21
CA GLY B 193 29.50 21.08 4.76
C GLY B 193 29.27 19.91 3.80
N LEU B 194 30.10 19.75 2.77
CA LEU B 194 29.88 18.69 1.79
C LEU B 194 30.41 17.34 2.26
N GLY B 195 31.23 17.35 3.33
CA GLY B 195 31.85 16.12 3.80
C GLY B 195 32.78 15.51 2.74
N TYR B 196 32.74 14.17 2.67
CA TYR B 196 33.55 13.38 1.74
C TYR B 196 33.29 13.78 0.28
N ARG B 197 32.10 14.36 0.02
CA ARG B 197 31.70 14.69 -1.34
C ARG B 197 32.58 15.81 -1.91
N ALA B 198 33.13 16.64 -1.03
CA ALA B 198 34.03 17.72 -1.42
C ALA B 198 35.20 17.20 -2.24
N ARG B 199 35.71 16.02 -1.83
CA ARG B 199 36.86 15.43 -2.47
C ARG B 199 36.51 15.04 -3.90
N TYR B 200 35.34 14.43 -4.06
CA TYR B 200 34.87 13.95 -5.34
C TYR B 200 34.61 15.11 -6.31
N VAL B 201 34.10 16.22 -5.80
CA VAL B 201 33.82 17.38 -6.62
C VAL B 201 35.14 17.89 -7.20
N ARG B 202 36.12 18.15 -6.32
CA ARG B 202 37.39 18.70 -6.77
C ARG B 202 38.06 17.72 -7.74
N ALA B 203 38.05 16.43 -7.41
CA ALA B 203 38.79 15.44 -8.19
C ALA B 203 38.11 15.16 -9.54
N SER B 204 36.78 15.17 -9.60
CA SER B 204 36.08 15.04 -10.88
C SER B 204 36.32 16.26 -11.78
N ALA B 205 36.30 17.47 -11.20
CA ALA B 205 36.59 18.65 -12.01
C ALA B 205 37.99 18.53 -12.61
N LYS B 206 38.95 18.15 -11.75
CA LYS B 206 40.35 18.02 -12.11
C LYS B 206 40.50 16.94 -13.18
N ALA B 207 39.84 15.79 -12.98
CA ALA B 207 39.88 14.69 -13.93
C ALA B 207 39.38 15.10 -15.30
N ILE B 208 38.23 15.80 -15.37
CA ILE B 208 37.69 16.18 -16.67
C ILE B 208 38.65 17.13 -17.38
N LEU B 209 39.22 18.07 -16.62
CA LEU B 209 40.09 19.08 -17.20
C LEU B 209 41.39 18.44 -17.71
N GLU B 210 42.02 17.61 -16.87
CA GLU B 210 43.38 17.14 -17.08
C GLU B 210 43.40 15.84 -17.88
N GLU B 211 42.45 14.94 -17.63
CA GLU B 211 42.48 13.62 -18.22
C GLU B 211 41.64 13.56 -19.50
N GLN B 212 40.61 14.42 -19.63
CA GLN B 212 39.62 14.28 -20.68
C GLN B 212 39.61 15.48 -21.63
N GLY B 213 40.34 16.55 -21.29
CA GLY B 213 40.47 17.69 -22.19
C GLY B 213 39.33 18.71 -22.06
N GLY B 214 38.68 18.75 -20.90
CA GLY B 214 37.84 19.89 -20.56
C GLY B 214 36.36 19.65 -20.84
N PRO B 215 35.53 20.70 -20.68
CA PRO B 215 34.07 20.56 -20.62
C PRO B 215 33.39 20.07 -21.91
N ALA B 216 34.09 20.23 -23.04
CA ALA B 216 33.62 19.71 -24.31
C ALA B 216 33.37 18.20 -24.21
N TRP B 217 34.09 17.53 -23.29
CA TRP B 217 33.93 16.10 -23.06
C TRP B 217 32.52 15.73 -22.61
N LEU B 218 31.90 16.52 -21.72
CA LEU B 218 30.54 16.24 -21.26
C LEU B 218 29.53 16.38 -22.40
N GLN B 219 29.71 17.41 -23.23
CA GLN B 219 28.88 17.60 -24.42
C GLN B 219 29.09 16.44 -25.39
N GLN B 220 30.31 15.90 -25.49
CA GLN B 220 30.57 14.71 -26.29
C GLN B 220 29.77 13.52 -25.76
N LEU B 221 29.61 13.39 -24.43
CA LEU B 221 28.84 12.30 -23.86
C LEU B 221 27.35 12.46 -24.18
N ARG B 222 26.90 13.70 -24.32
CA ARG B 222 25.50 13.97 -24.68
C ARG B 222 25.18 13.39 -26.06
N VAL B 223 26.17 13.37 -26.97
CA VAL B 223 25.95 12.87 -28.33
C VAL B 223 26.36 11.42 -28.44
N ALA B 224 27.20 10.93 -27.51
CA ALA B 224 27.62 9.53 -27.51
C ALA B 224 26.44 8.62 -27.16
N PRO B 225 26.50 7.32 -27.51
CA PRO B 225 25.47 6.37 -27.09
C PRO B 225 25.48 6.13 -25.59
N TYR B 226 24.29 5.76 -25.08
CA TYR B 226 24.00 5.61 -23.66
C TYR B 226 25.08 4.77 -22.96
N GLU B 227 25.38 3.59 -23.51
CA GLU B 227 26.30 2.65 -22.85
C GLU B 227 27.68 3.27 -22.70
N GLU B 228 28.09 4.07 -23.69
CA GLU B 228 29.39 4.70 -23.71
C GLU B 228 29.44 5.85 -22.70
N ALA B 229 28.38 6.68 -22.71
CA ALA B 229 28.24 7.79 -21.76
C ALA B 229 28.31 7.29 -20.31
N HIS B 230 27.53 6.24 -20.01
CA HIS B 230 27.43 5.69 -18.67
C HIS B 230 28.78 5.19 -18.17
N LYS B 231 29.45 4.41 -19.03
CA LYS B 231 30.76 3.86 -18.75
C LYS B 231 31.77 4.98 -18.47
N ALA B 232 31.72 6.03 -19.29
CA ALA B 232 32.64 7.16 -19.17
C ALA B 232 32.43 7.91 -17.86
N LEU B 233 31.16 8.17 -17.49
CA LEU B 233 30.85 8.86 -16.24
C LEU B 233 31.34 8.04 -15.04
N CYS B 234 31.26 6.70 -15.11
CA CYS B 234 31.63 5.85 -13.98
C CYS B 234 33.14 5.84 -13.73
N THR B 235 33.94 6.38 -14.68
CA THR B 235 35.36 6.56 -14.42
C THR B 235 35.64 7.75 -13.52
N LEU B 236 34.65 8.63 -13.27
CA LEU B 236 34.86 9.83 -12.47
C LEU B 236 34.78 9.51 -10.98
N PRO B 237 35.63 10.15 -10.15
CA PRO B 237 35.52 10.05 -8.69
C PRO B 237 34.13 10.43 -8.18
N GLY B 238 33.52 9.51 -7.40
CA GLY B 238 32.26 9.77 -6.75
C GLY B 238 31.05 9.50 -7.63
N VAL B 239 31.31 9.02 -8.85
CA VAL B 239 30.25 8.67 -9.79
C VAL B 239 30.20 7.14 -9.91
N GLY B 240 29.14 6.57 -9.35
CA GLY B 240 28.78 5.18 -9.56
C GLY B 240 27.62 5.06 -10.54
N ALA B 241 27.11 3.83 -10.66
CA ALA B 241 26.16 3.48 -11.71
C ALA B 241 24.87 4.30 -11.55
N LYS B 242 24.44 4.51 -10.31
CA LYS B 242 23.19 5.21 -10.05
C LYS B 242 23.32 6.67 -10.46
N VAL B 243 24.38 7.35 -10.01
CA VAL B 243 24.61 8.75 -10.31
C VAL B 243 24.81 8.93 -11.82
N ALA B 244 25.57 8.01 -12.44
CA ALA B 244 25.81 8.06 -13.88
C ALA B 244 24.50 7.99 -14.65
N ASP B 245 23.55 7.15 -14.18
CA ASP B 245 22.26 7.04 -14.81
C ASP B 245 21.41 8.29 -14.61
N CYS B 246 21.47 8.91 -13.43
CA CYS B 246 20.79 10.18 -13.21
C CYS B 246 21.24 11.21 -14.26
N ILE B 247 22.56 11.30 -14.47
CA ILE B 247 23.14 12.29 -15.38
C ILE B 247 22.78 11.96 -16.82
N CYS B 248 22.89 10.66 -17.18
CA CYS B 248 22.45 10.22 -18.50
C CYS B 248 21.02 10.67 -18.79
N LEU B 249 20.12 10.40 -17.87
CA LEU B 249 18.69 10.67 -18.02
C LEU B 249 18.41 12.17 -18.03
N MET B 250 19.11 12.91 -17.18
CA MET B 250 18.69 14.26 -16.85
C MET B 250 19.46 15.31 -17.65
N ALA B 251 20.59 14.94 -18.25
CA ALA B 251 21.48 15.93 -18.86
C ALA B 251 22.10 15.43 -20.17
N LEU B 252 22.18 14.11 -20.40
CA LEU B 252 22.86 13.61 -21.59
C LEU B 252 21.88 13.02 -22.60
N ASP B 253 20.59 13.34 -22.49
CA ASP B 253 19.58 12.98 -23.47
C ASP B 253 19.51 11.47 -23.66
N LYS B 254 19.55 10.71 -22.55
CA LYS B 254 19.31 9.28 -22.56
C LYS B 254 18.02 9.00 -21.81
N PRO B 255 16.83 9.14 -22.44
CA PRO B 255 15.55 8.91 -21.76
C PRO B 255 15.29 7.47 -21.31
N GLN B 256 16.11 6.53 -21.79
CA GLN B 256 16.00 5.12 -21.43
C GLN B 256 16.78 4.80 -20.17
N ALA B 257 17.60 5.75 -19.70
CA ALA B 257 18.42 5.55 -18.51
C ALA B 257 17.52 5.44 -17.29
N VAL B 258 17.74 4.39 -16.48
CA VAL B 258 16.90 4.09 -15.34
C VAL B 258 17.78 3.97 -14.11
N PRO B 259 17.86 5.02 -13.26
CA PRO B 259 18.65 4.95 -12.03
C PRO B 259 18.06 4.00 -11.01
N VAL B 260 18.89 3.04 -10.60
CA VAL B 260 18.47 2.00 -9.67
C VAL B 260 19.18 2.22 -8.34
N ASP B 261 18.36 2.30 -7.28
CA ASP B 261 18.83 2.25 -5.90
C ASP B 261 17.95 1.27 -5.11
N VAL B 262 18.02 1.30 -3.78
CA VAL B 262 17.31 0.33 -2.97
C VAL B 262 15.81 0.58 -3.05
N HIS B 263 15.41 1.84 -3.22
CA HIS B 263 14.00 2.19 -3.36
C HIS B 263 13.42 1.59 -4.65
N VAL B 264 14.19 1.55 -5.73
CA VAL B 264 13.72 0.96 -6.97
C VAL B 264 13.55 -0.55 -6.80
N TRP B 265 14.49 -1.19 -6.09
CA TRP B 265 14.41 -2.59 -5.74
C TRP B 265 13.09 -2.90 -5.02
N GLN B 266 12.77 -2.09 -4.02
CA GLN B 266 11.62 -2.31 -3.17
C GLN B 266 10.34 -2.22 -4.02
N ILE B 267 10.25 -1.21 -4.88
CA ILE B 267 9.11 -1.02 -5.78
C ILE B 267 8.99 -2.20 -6.73
N ALA B 268 10.11 -2.57 -7.37
CA ALA B 268 10.11 -3.64 -8.36
C ALA B 268 9.64 -4.94 -7.73
N HIS B 269 10.13 -5.23 -6.51
CA HIS B 269 9.80 -6.46 -5.81
C HIS B 269 8.35 -6.43 -5.36
N ARG B 270 7.96 -5.34 -4.69
CA ARG B 270 6.61 -5.25 -4.13
C ARG B 270 5.55 -5.16 -5.25
N ASP B 271 5.75 -4.24 -6.21
CA ASP B 271 4.68 -3.87 -7.13
C ASP B 271 4.75 -4.67 -8.44
N TYR B 272 5.91 -5.26 -8.77
CA TYR B 272 6.06 -6.01 -10.02
C TYR B 272 6.46 -7.46 -9.77
N GLY B 273 6.70 -7.86 -8.52
CA GLY B 273 7.03 -9.24 -8.20
C GLY B 273 8.43 -9.65 -8.66
N TRP B 274 9.30 -8.67 -8.82
CA TRP B 274 10.66 -8.94 -9.35
C TRP B 274 11.61 -9.46 -8.27
N HIS B 275 12.40 -10.47 -8.62
CA HIS B 275 13.46 -10.99 -7.74
C HIS B 275 14.70 -11.13 -8.61
N PRO B 276 15.92 -10.88 -8.10
CA PRO B 276 17.13 -11.07 -8.89
C PRO B 276 17.39 -12.51 -9.36
N LYS B 277 18.21 -12.70 -10.40
CA LYS B 277 18.61 -14.07 -10.82
C LYS B 277 20.01 -14.33 -10.23
N THR B 278 20.14 -14.46 -8.91
CA THR B 278 21.49 -14.57 -8.30
C THR B 278 22.06 -15.98 -8.52
N PRO B 284 21.00 -5.65 -3.46
CA PRO B 284 21.50 -4.72 -4.50
C PRO B 284 22.99 -4.92 -4.76
N SER B 285 23.31 -5.83 -5.69
CA SER B 285 24.64 -5.94 -6.26
C SER B 285 24.72 -5.14 -7.57
N PRO B 286 25.95 -4.83 -8.08
CA PRO B 286 26.11 -4.24 -9.40
C PRO B 286 25.39 -4.94 -10.55
N LEU B 287 25.43 -6.29 -10.56
CA LEU B 287 24.91 -7.06 -11.68
C LEU B 287 23.38 -7.05 -11.66
N ALA B 288 22.79 -7.22 -10.47
CA ALA B 288 21.35 -7.26 -10.32
C ALA B 288 20.75 -5.87 -10.55
N ASN B 289 21.45 -4.82 -10.11
CA ASN B 289 21.04 -3.45 -10.35
C ASN B 289 20.94 -3.17 -11.85
N LYS B 290 21.92 -3.66 -12.62
CA LYS B 290 21.93 -3.48 -14.05
C LYS B 290 20.76 -4.24 -14.71
N GLU B 291 20.55 -5.47 -14.23
CA GLU B 291 19.42 -6.30 -14.66
C GLU B 291 18.11 -5.58 -14.37
N LEU B 292 18.01 -4.85 -13.25
CA LEU B 292 16.75 -4.23 -12.89
C LEU B 292 16.49 -3.03 -13.81
N GLY B 293 17.55 -2.30 -14.19
CA GLY B 293 17.43 -1.27 -15.21
C GLY B 293 16.88 -1.81 -16.54
N ASN B 294 17.42 -2.96 -16.96
CA ASN B 294 16.97 -3.64 -18.18
C ASN B 294 15.49 -4.03 -18.07
N PHE B 295 15.08 -4.50 -16.88
CA PHE B 295 13.69 -4.88 -16.64
C PHE B 295 12.73 -3.74 -16.97
N PHE B 296 13.03 -2.54 -16.45
CA PHE B 296 12.14 -1.39 -16.63
C PHE B 296 12.19 -0.87 -18.07
N ARG B 297 13.34 -0.92 -18.73
CA ARG B 297 13.40 -0.62 -20.16
C ARG B 297 12.54 -1.60 -20.97
N ASN B 298 12.64 -2.90 -20.68
CA ASN B 298 11.83 -3.91 -21.36
C ASN B 298 10.35 -3.65 -21.14
N LEU B 299 9.98 -3.19 -19.94
CA LEU B 299 8.58 -2.95 -19.61
C LEU B 299 8.07 -1.68 -20.28
N TRP B 300 8.79 -0.55 -20.10
CA TRP B 300 8.24 0.76 -20.42
C TRP B 300 8.68 1.23 -21.80
N GLY B 301 9.83 0.78 -22.27
CA GLY B 301 10.32 1.16 -23.57
C GLY B 301 11.39 2.27 -23.49
N PRO B 302 11.55 3.06 -24.58
CA PRO B 302 12.71 3.93 -24.77
C PRO B 302 12.77 5.18 -23.87
N TYR B 303 11.64 5.49 -23.20
CA TYR B 303 11.52 6.59 -22.26
C TYR B 303 11.30 6.06 -20.84
N ALA B 304 11.90 4.90 -20.52
CA ALA B 304 11.75 4.22 -19.24
C ALA B 304 12.11 5.12 -18.06
N GLY B 305 13.15 5.95 -18.21
CA GLY B 305 13.59 6.83 -17.13
C GLY B 305 12.57 7.92 -16.83
N TRP B 306 11.86 8.39 -17.86
CA TRP B 306 10.76 9.32 -17.68
C TRP B 306 9.60 8.67 -16.94
N ALA B 307 9.34 7.40 -17.21
CA ALA B 307 8.28 6.69 -16.51
C ALA B 307 8.61 6.59 -15.02
N GLN B 308 9.87 6.24 -14.73
CA GLN B 308 10.34 6.14 -13.35
C GLN B 308 10.18 7.49 -12.65
N ALA B 309 10.47 8.58 -13.37
CA ALA B 309 10.34 9.92 -12.79
C ALA B 309 8.91 10.18 -12.37
N VAL B 310 7.92 9.71 -13.17
CA VAL B 310 6.52 9.88 -12.80
C VAL B 310 6.26 9.18 -11.48
N LEU B 311 6.70 7.92 -11.33
CA LEU B 311 6.51 7.19 -10.09
C LEU B 311 7.22 7.88 -8.92
N PHE B 312 8.45 8.35 -9.14
CA PHE B 312 9.24 9.03 -8.11
C PHE B 312 8.52 10.31 -7.67
N SER B 313 8.05 11.09 -8.65
CA SER B 313 7.42 12.39 -8.41
C SER B 313 6.00 12.22 -7.88
N ALA B 314 5.41 11.05 -8.10
CA ALA B 314 4.13 10.70 -7.49
C ALA B 314 4.35 10.30 -6.04
N ASP B 315 5.46 9.65 -5.75
CA ASP B 315 5.73 9.10 -4.44
C ASP B 315 6.11 10.21 -3.45
N LEU B 316 6.78 11.28 -3.90
CA LEU B 316 6.95 12.46 -3.07
C LEU B 316 5.59 12.87 -2.49
N GLY C 1 -46.31 -0.32 -31.66
CA GLY C 1 -46.37 -0.15 -30.18
C GLY C 1 -45.59 1.08 -29.74
N SER C 2 -45.75 1.47 -28.47
CA SER C 2 -45.16 2.70 -27.97
C SER C 2 -43.63 2.55 -27.91
N HIS C 3 -42.95 3.69 -27.98
CA HIS C 3 -41.56 3.75 -27.64
C HIS C 3 -41.38 3.35 -26.17
N MET C 4 -40.47 2.39 -25.93
CA MET C 4 -40.15 1.93 -24.59
C MET C 4 -38.80 2.46 -24.14
N ARG C 5 -38.78 2.84 -22.86
CA ARG C 5 -37.60 3.42 -22.24
C ARG C 5 -37.12 2.46 -21.15
N HIS C 6 -35.80 2.51 -20.87
CA HIS C 6 -35.27 1.87 -19.68
C HIS C 6 -35.97 2.46 -18.46
N ARG C 7 -36.40 1.59 -17.54
CA ARG C 7 -37.13 1.99 -16.35
C ARG C 7 -36.14 2.45 -15.26
N THR C 8 -36.65 3.32 -14.40
CA THR C 8 -35.93 3.76 -13.18
C THR C 8 -36.96 3.53 -12.07
N LEU C 9 -36.55 3.61 -10.81
CA LEU C 9 -37.47 3.34 -9.66
C LEU C 9 -38.55 4.43 -9.62
N SER C 10 -38.30 5.57 -10.24
CA SER C 10 -39.30 6.65 -10.34
C SER C 10 -40.22 6.41 -11.55
N SER C 11 -39.68 5.83 -12.61
CA SER C 11 -40.44 5.62 -13.87
C SER C 11 -41.73 4.83 -13.68
N SER C 12 -41.69 3.58 -13.20
CA SER C 12 -42.94 2.77 -13.19
C SER C 12 -43.09 1.95 -11.91
N PRO C 13 -43.47 2.55 -10.77
CA PRO C 13 -43.53 1.84 -9.49
C PRO C 13 -44.29 0.51 -9.54
N ALA C 14 -45.28 0.42 -10.42
CA ALA C 14 -46.11 -0.80 -10.47
C ALA C 14 -45.42 -1.92 -11.25
N LEU C 15 -44.24 -1.64 -11.82
CA LEU C 15 -43.56 -2.66 -12.67
C LEU C 15 -42.30 -3.16 -11.98
N TRP C 16 -42.09 -2.81 -10.70
CA TRP C 16 -40.98 -3.30 -9.93
C TRP C 16 -41.47 -4.31 -8.91
N ALA C 17 -40.77 -5.45 -8.81
CA ALA C 17 -40.86 -6.33 -7.64
C ALA C 17 -39.59 -6.15 -6.81
N SER C 18 -39.60 -6.79 -5.65
CA SER C 18 -38.46 -6.65 -4.73
C SER C 18 -38.05 -8.03 -4.20
N ILE C 19 -36.76 -8.26 -4.04
CA ILE C 19 -36.30 -9.50 -3.37
C ILE C 19 -35.60 -9.02 -2.10
N PRO C 20 -36.05 -9.42 -0.90
CA PRO C 20 -35.37 -9.05 0.33
C PRO C 20 -33.89 -9.43 0.23
N CYS C 21 -33.01 -8.44 0.24
CA CYS C 21 -31.56 -8.72 0.04
C CYS C 21 -30.71 -7.61 0.66
N PRO C 22 -29.94 -7.89 1.73
CA PRO C 22 -29.05 -6.88 2.27
C PRO C 22 -27.95 -6.51 1.28
N ARG C 23 -27.53 -5.24 1.27
CA ARG C 23 -26.43 -4.78 0.39
C ARG C 23 -25.14 -5.47 0.84
N SER C 24 -25.12 -5.99 2.06
CA SER C 24 -23.97 -6.78 2.55
C SER C 24 -23.93 -8.12 1.82
N GLU C 25 -25.07 -8.60 1.35
CA GLU C 25 -25.14 -9.93 0.70
C GLU C 25 -25.00 -9.77 -0.82
N LEU C 26 -25.20 -8.56 -1.33
CA LEU C 26 -25.03 -8.30 -2.79
C LEU C 26 -24.87 -6.83 -3.13
N ARG C 27 -23.70 -6.45 -3.66
CA ARG C 27 -23.56 -5.12 -4.23
C ARG C 27 -23.52 -5.23 -5.75
N LEU C 28 -24.58 -4.75 -6.41
CA LEU C 28 -24.71 -4.83 -7.85
C LEU C 28 -23.49 -4.21 -8.50
N ASP C 29 -23.08 -3.05 -7.99
CA ASP C 29 -22.05 -2.26 -8.62
C ASP C 29 -20.66 -2.90 -8.47
N LEU C 30 -20.50 -3.95 -7.65
CA LEU C 30 -19.24 -4.68 -7.56
C LEU C 30 -19.32 -6.04 -8.28
N VAL C 31 -20.51 -6.44 -8.72
CA VAL C 31 -20.71 -7.78 -9.26
C VAL C 31 -20.97 -7.76 -10.77
N LEU C 32 -21.87 -6.88 -11.21
CA LEU C 32 -22.37 -6.89 -12.61
C LEU C 32 -21.38 -6.41 -13.68
N ALA C 33 -20.41 -5.56 -13.35
CA ALA C 33 -19.40 -5.18 -14.35
C ALA C 33 -17.99 -5.43 -13.81
N SER C 34 -17.79 -6.58 -13.16
CA SER C 34 -16.50 -6.89 -12.50
C SER C 34 -15.75 -8.02 -13.22
N GLY C 35 -16.11 -8.33 -14.44
CA GLY C 35 -15.38 -9.36 -15.20
C GLY C 35 -15.98 -10.73 -15.06
N GLN C 36 -17.21 -10.83 -14.57
CA GLN C 36 -17.91 -12.12 -14.53
C GLN C 36 -18.86 -12.12 -15.73
N SER C 37 -19.90 -11.29 -15.71
CA SER C 37 -20.78 -11.11 -16.89
C SER C 37 -20.35 -9.83 -17.61
N PHE C 38 -20.53 -9.79 -18.91
CA PHE C 38 -20.16 -8.60 -19.72
C PHE C 38 -21.43 -8.04 -20.36
N ARG C 39 -22.59 -8.33 -19.77
CA ARG C 39 -23.85 -8.02 -20.45
C ARG C 39 -24.73 -7.05 -19.65
N TRP C 40 -24.21 -6.50 -18.55
CA TRP C 40 -24.94 -5.54 -17.72
C TRP C 40 -24.34 -4.17 -17.91
N LYS C 41 -25.21 -3.16 -18.08
CA LYS C 41 -24.76 -1.80 -18.19
C LYS C 41 -25.67 -0.90 -17.34
N GLU C 42 -25.03 0.09 -16.72
CA GLU C 42 -25.68 1.08 -15.88
C GLU C 42 -26.23 2.19 -16.80
N GLN C 43 -27.43 1.99 -17.36
CA GLN C 43 -27.96 2.87 -18.39
C GLN C 43 -28.44 4.19 -17.78
N SER C 44 -28.86 4.17 -16.50
CA SER C 44 -28.91 5.39 -15.71
C SER C 44 -28.32 5.10 -14.33
N PRO C 45 -27.86 6.13 -13.58
CA PRO C 45 -27.23 5.91 -12.26
C PRO C 45 -27.97 4.94 -11.34
N ALA C 46 -27.21 3.93 -10.84
CA ALA C 46 -27.67 2.92 -9.90
C ALA C 46 -28.64 1.92 -10.53
N HIS C 47 -28.88 2.02 -11.86
CA HIS C 47 -29.80 1.12 -12.54
C HIS C 47 -29.08 0.29 -13.61
N TRP C 48 -29.09 -1.03 -13.42
CA TRP C 48 -28.32 -1.95 -14.26
C TRP C 48 -29.27 -2.70 -15.19
N SER C 49 -29.01 -2.63 -16.50
CA SER C 49 -29.85 -3.32 -17.47
C SER C 49 -29.06 -4.36 -18.24
N GLY C 50 -29.66 -5.52 -18.48
CA GLY C 50 -29.00 -6.54 -19.31
C GLY C 50 -29.89 -7.75 -19.51
N VAL C 51 -29.41 -8.69 -20.31
CA VAL C 51 -30.19 -9.82 -20.79
C VAL C 51 -29.89 -11.03 -19.92
N LEU C 52 -30.96 -11.69 -19.43
CA LEU C 52 -30.90 -13.04 -18.90
C LEU C 52 -31.81 -13.93 -19.73
N ALA C 53 -31.19 -14.97 -20.30
CA ALA C 53 -31.80 -15.85 -21.30
C ALA C 53 -32.38 -14.97 -22.42
N ASP C 54 -33.70 -14.98 -22.57
CA ASP C 54 -34.32 -14.21 -23.64
C ASP C 54 -35.22 -13.12 -23.04
N GLN C 55 -34.80 -12.55 -21.89
CA GLN C 55 -35.51 -11.42 -21.31
C GLN C 55 -34.52 -10.34 -20.89
N VAL C 56 -34.96 -9.09 -20.94
CA VAL C 56 -34.19 -7.97 -20.42
C VAL C 56 -34.69 -7.63 -19.02
N TRP C 57 -33.74 -7.31 -18.13
CA TRP C 57 -34.02 -6.87 -16.77
C TRP C 57 -33.35 -5.52 -16.52
N THR C 58 -33.96 -4.71 -15.63
CA THR C 58 -33.27 -3.63 -14.98
C THR C 58 -33.28 -3.92 -13.47
N LEU C 59 -32.10 -3.77 -12.85
CA LEU C 59 -31.90 -4.05 -11.42
C LEU C 59 -31.36 -2.80 -10.74
N THR C 60 -31.93 -2.51 -9.57
CA THR C 60 -31.42 -1.49 -8.67
C THR C 60 -31.66 -1.97 -7.24
N GLN C 61 -31.00 -1.35 -6.25
CA GLN C 61 -31.14 -1.80 -4.87
C GLN C 61 -31.05 -0.64 -3.89
N THR C 62 -31.71 -0.85 -2.75
CA THR C 62 -31.53 -0.02 -1.56
C THR C 62 -30.60 -0.77 -0.59
N GLU C 63 -30.61 -0.38 0.68
CA GLU C 63 -29.75 -1.05 1.68
C GLU C 63 -30.32 -2.42 2.05
N ASP C 64 -31.63 -2.65 1.84
CA ASP C 64 -32.21 -3.92 2.33
C ASP C 64 -33.01 -4.63 1.25
N GLN C 65 -33.24 -3.99 0.11
CA GLN C 65 -34.10 -4.61 -0.91
C GLN C 65 -33.46 -4.59 -2.30
N LEU C 66 -33.64 -5.67 -3.06
CA LEU C 66 -33.17 -5.72 -4.47
C LEU C 66 -34.39 -5.54 -5.36
N TYR C 67 -34.43 -4.46 -6.13
CA TYR C 67 -35.56 -4.16 -6.98
C TYR C 67 -35.25 -4.58 -8.42
N CYS C 68 -36.21 -5.27 -9.03
CA CYS C 68 -36.06 -5.76 -10.38
C CYS C 68 -37.33 -5.49 -11.19
N THR C 69 -37.13 -5.34 -12.50
CA THR C 69 -38.20 -5.17 -13.46
C THR C 69 -37.77 -5.94 -14.71
N VAL C 70 -38.73 -6.60 -15.37
CA VAL C 70 -38.46 -7.41 -16.55
C VAL C 70 -39.24 -6.82 -17.72
N TYR C 71 -38.65 -6.80 -18.95
CA TYR C 71 -39.35 -6.19 -20.08
C TYR C 71 -40.04 -7.22 -20.98
N VAL C 78 -47.49 -5.27 -20.15
CA VAL C 78 -46.38 -5.12 -19.16
C VAL C 78 -46.94 -5.35 -17.76
N SER C 79 -46.16 -6.06 -16.93
CA SER C 79 -46.47 -6.27 -15.52
C SER C 79 -45.19 -6.65 -14.76
N ARG C 80 -45.30 -6.70 -13.43
CA ARG C 80 -44.17 -6.97 -12.54
C ARG C 80 -43.66 -8.39 -12.77
N PRO C 81 -42.38 -8.68 -12.43
CA PRO C 81 -41.84 -10.05 -12.48
C PRO C 81 -42.71 -11.02 -11.69
N THR C 82 -42.84 -12.26 -12.19
CA THR C 82 -43.61 -13.29 -11.50
C THR C 82 -42.80 -13.97 -10.42
N LEU C 83 -43.47 -14.77 -9.57
CA LEU C 83 -42.81 -15.65 -8.63
C LEU C 83 -41.63 -16.35 -9.30
N GLU C 84 -41.88 -16.99 -10.46
CA GLU C 84 -40.91 -17.87 -11.09
C GLU C 84 -39.73 -17.10 -11.67
N GLU C 85 -40.01 -15.99 -12.35
CA GLU C 85 -38.96 -15.11 -12.87
C GLU C 85 -38.07 -14.63 -11.72
N LEU C 86 -38.68 -14.34 -10.56
CA LEU C 86 -37.93 -13.87 -9.40
C LEU C 86 -37.05 -14.99 -8.83
N GLU C 87 -37.50 -16.26 -8.92
CA GLU C 87 -36.65 -17.38 -8.50
C GLU C 87 -35.45 -17.53 -9.42
N THR C 88 -35.63 -17.27 -10.73
CA THR C 88 -34.54 -17.25 -11.69
C THR C 88 -33.42 -16.30 -11.22
N LEU C 89 -33.82 -15.12 -10.75
CA LEU C 89 -32.88 -14.09 -10.31
C LEU C 89 -32.21 -14.48 -8.99
N HIS C 90 -32.98 -15.08 -8.08
CA HIS C 90 -32.47 -15.66 -6.85
C HIS C 90 -31.37 -16.70 -7.14
N LYS C 91 -31.55 -17.53 -8.17
CA LYS C 91 -30.59 -18.56 -8.55
C LYS C 91 -29.35 -17.94 -9.21
N TYR C 92 -29.57 -16.94 -10.08
CA TYR C 92 -28.50 -16.23 -10.77
C TYR C 92 -27.54 -15.57 -9.78
N PHE C 93 -28.05 -15.01 -8.68
CA PHE C 93 -27.20 -14.38 -7.68
C PHE C 93 -26.82 -15.38 -6.58
N GLN C 94 -27.29 -16.64 -6.70
CA GLN C 94 -26.96 -17.71 -5.78
C GLN C 94 -27.24 -17.29 -4.35
N LEU C 95 -28.44 -16.73 -4.09
CA LEU C 95 -28.68 -16.01 -2.86
C LEU C 95 -28.88 -16.99 -1.68
N ASP C 96 -29.06 -18.29 -1.98
CA ASP C 96 -29.01 -19.34 -0.97
C ASP C 96 -27.70 -19.32 -0.20
N VAL C 97 -26.60 -19.02 -0.89
CA VAL C 97 -25.28 -18.99 -0.28
C VAL C 97 -25.16 -17.73 0.57
N SER C 98 -24.76 -17.90 1.83
CA SER C 98 -24.65 -16.78 2.75
C SER C 98 -23.26 -16.18 2.68
N LEU C 99 -23.18 -14.93 2.26
CA LEU C 99 -21.94 -14.21 2.10
C LEU C 99 -21.41 -13.74 3.45
N ALA C 100 -22.30 -13.43 4.40
CA ALA C 100 -21.88 -13.07 5.74
C ALA C 100 -21.09 -14.22 6.37
N GLN C 101 -21.57 -15.46 6.19
CA GLN C 101 -20.91 -16.63 6.74
C GLN C 101 -19.59 -16.92 6.03
N LEU C 102 -19.51 -16.67 4.72
CA LEU C 102 -18.26 -16.89 3.98
C LEU C 102 -17.23 -15.85 4.39
N TYR C 103 -17.64 -14.58 4.40
CA TYR C 103 -16.74 -13.51 4.80
C TYR C 103 -16.15 -13.76 6.19
N SER C 104 -16.94 -14.28 7.14
CA SER C 104 -16.45 -14.56 8.49
C SER C 104 -15.51 -15.76 8.50
N HIS C 105 -15.78 -16.80 7.70
CA HIS C 105 -14.86 -17.92 7.61
C HIS C 105 -13.51 -17.48 7.03
N TRP C 106 -13.55 -16.65 5.96
CA TRP C 106 -12.33 -16.20 5.29
C TRP C 106 -11.56 -15.23 6.20
N ALA C 107 -12.25 -14.29 6.84
CA ALA C 107 -11.62 -13.38 7.79
C ALA C 107 -10.90 -14.13 8.92
N SER C 108 -11.49 -15.23 9.38
CA SER C 108 -10.96 -15.97 10.52
C SER C 108 -9.66 -16.72 10.18
N VAL C 109 -9.43 -17.02 8.88
CA VAL C 109 -8.25 -17.78 8.48
C VAL C 109 -7.23 -16.89 7.76
N ASP C 110 -7.55 -15.62 7.55
CA ASP C 110 -6.79 -14.76 6.66
C ASP C 110 -7.02 -13.30 7.06
N SER C 111 -6.02 -12.71 7.72
CA SER C 111 -6.12 -11.37 8.26
C SER C 111 -5.99 -10.32 7.15
N HIS C 112 -5.33 -10.69 6.03
CA HIS C 112 -5.29 -9.83 4.87
C HIS C 112 -6.72 -9.61 4.38
N PHE C 113 -7.46 -10.71 4.22
CA PHE C 113 -8.84 -10.68 3.76
C PHE C 113 -9.69 -9.83 4.71
N GLN C 114 -9.49 -10.02 6.03
CA GLN C 114 -10.22 -9.25 7.02
C GLN C 114 -10.09 -7.75 6.77
N ARG C 115 -8.85 -7.25 6.60
CA ARG C 115 -8.60 -5.83 6.38
C ARG C 115 -9.30 -5.33 5.11
N VAL C 116 -9.11 -6.08 4.02
CA VAL C 116 -9.48 -5.67 2.67
C VAL C 116 -10.99 -5.78 2.45
N ALA C 117 -11.65 -6.79 3.04
CA ALA C 117 -13.05 -7.06 2.77
C ALA C 117 -13.99 -6.11 3.52
N GLN C 118 -13.43 -5.16 4.27
CA GLN C 118 -14.22 -4.23 5.06
C GLN C 118 -15.09 -3.39 4.12
N LYS C 119 -14.47 -2.70 3.16
CA LYS C 119 -15.18 -1.81 2.24
C LYS C 119 -15.88 -2.57 1.12
N PHE C 120 -15.58 -3.86 0.94
CA PHE C 120 -15.97 -4.57 -0.27
C PHE C 120 -16.87 -5.75 0.08
N GLN C 121 -17.99 -5.40 0.72
CA GLN C 121 -19.04 -6.35 1.05
C GLN C 121 -19.90 -6.58 -0.18
N GLY C 122 -20.57 -7.73 -0.21
CA GLY C 122 -21.59 -8.00 -1.21
C GLY C 122 -20.99 -8.45 -2.53
N VAL C 123 -19.73 -8.84 -2.52
CA VAL C 123 -19.07 -9.37 -3.75
C VAL C 123 -19.35 -10.86 -3.79
N ARG C 124 -20.29 -11.27 -4.62
CA ARG C 124 -20.62 -12.71 -4.75
C ARG C 124 -20.36 -13.12 -6.20
N LEU C 125 -20.65 -14.37 -6.48
CA LEU C 125 -20.36 -14.86 -7.83
C LEU C 125 -21.66 -15.24 -8.53
N LEU C 126 -21.82 -14.77 -9.77
CA LEU C 126 -23.05 -15.04 -10.54
C LEU C 126 -23.06 -16.48 -11.03
N ARG C 127 -24.24 -17.06 -11.13
CA ARG C 127 -24.37 -18.38 -11.73
C ARG C 127 -24.81 -18.20 -13.17
N GLN C 128 -23.84 -18.31 -14.08
CA GLN C 128 -24.05 -17.92 -15.46
C GLN C 128 -24.43 -19.14 -16.28
N ASP C 129 -25.12 -18.91 -17.39
CA ASP C 129 -25.40 -19.95 -18.37
C ASP C 129 -24.06 -20.47 -18.90
N PRO C 130 -23.80 -21.80 -18.90
CA PRO C 130 -22.51 -22.32 -19.38
C PRO C 130 -22.10 -21.92 -20.79
N THR C 131 -23.05 -21.92 -21.74
CA THR C 131 -22.73 -21.57 -23.11
C THR C 131 -22.25 -20.11 -23.17
N GLU C 132 -23.05 -19.20 -22.61
CA GLU C 132 -22.68 -17.79 -22.67
C GLU C 132 -21.32 -17.56 -22.01
N CYS C 133 -21.11 -18.17 -20.85
CA CYS C 133 -19.85 -18.01 -20.14
C CYS C 133 -18.68 -18.53 -20.99
N LEU C 134 -18.82 -19.75 -21.52
CA LEU C 134 -17.75 -20.38 -22.28
C LEU C 134 -17.33 -19.51 -23.46
N PHE C 135 -18.30 -19.07 -24.27
CA PHE C 135 -17.95 -18.33 -25.48
C PHE C 135 -17.54 -16.90 -25.17
N SER C 136 -18.06 -16.31 -24.10
CA SER C 136 -17.58 -14.99 -23.68
C SER C 136 -16.11 -15.04 -23.29
N PHE C 137 -15.71 -16.10 -22.58
CA PHE C 137 -14.34 -16.19 -22.11
C PHE C 137 -13.39 -16.67 -23.22
N ILE C 138 -13.89 -17.46 -24.20
CA ILE C 138 -13.08 -17.76 -25.38
C ILE C 138 -12.72 -16.46 -26.11
N CYS C 139 -13.61 -15.45 -26.08
CA CYS C 139 -13.32 -14.16 -26.71
C CYS C 139 -12.28 -13.32 -25.95
N SER C 140 -11.91 -13.70 -24.71
CA SER C 140 -10.88 -13.02 -23.92
C SER C 140 -9.57 -12.81 -24.69
N SER C 141 -9.12 -11.54 -24.84
CA SER C 141 -7.86 -11.24 -25.49
C SER C 141 -6.71 -11.81 -24.65
N ASN C 144 -9.06 -6.56 -21.57
CA ASN C 144 -9.86 -5.38 -21.15
C ASN C 144 -11.32 -5.81 -21.00
N ILE C 145 -11.94 -5.49 -19.87
CA ILE C 145 -13.38 -5.79 -19.66
C ILE C 145 -14.18 -5.07 -20.75
N ALA C 146 -13.80 -3.83 -21.07
CA ALA C 146 -14.54 -3.02 -22.06
C ALA C 146 -14.42 -3.59 -23.47
N ARG C 147 -13.27 -4.15 -23.81
CA ARG C 147 -13.06 -4.79 -25.14
C ARG C 147 -13.94 -6.02 -25.24
N ILE C 148 -13.94 -6.86 -24.21
CA ILE C 148 -14.79 -8.09 -24.19
C ILE C 148 -16.25 -7.65 -24.18
N THR C 149 -16.55 -6.61 -23.41
CA THR C 149 -17.92 -6.14 -23.35
C THR C 149 -18.41 -5.73 -24.75
N GLY C 150 -17.57 -5.01 -25.50
CA GLY C 150 -17.88 -4.63 -26.87
C GLY C 150 -18.06 -5.84 -27.79
N MET C 151 -17.10 -6.78 -27.71
CA MET C 151 -17.11 -7.97 -28.55
C MET C 151 -18.37 -8.81 -28.32
N VAL C 152 -18.76 -8.97 -27.06
CA VAL C 152 -19.92 -9.78 -26.70
C VAL C 152 -21.19 -9.14 -27.27
N GLU C 153 -21.32 -7.81 -27.13
CA GLU C 153 -22.48 -7.10 -27.67
C GLU C 153 -22.57 -7.27 -29.19
N ARG C 154 -21.47 -7.12 -29.92
CA ARG C 154 -21.52 -7.24 -31.37
C ARG C 154 -21.79 -8.68 -31.80
N LEU C 155 -21.28 -9.62 -31.02
CA LEU C 155 -21.54 -11.06 -31.28
C LEU C 155 -23.04 -11.33 -31.15
N CYS C 156 -23.66 -10.84 -30.09
CA CYS C 156 -25.09 -11.13 -29.83
C CYS C 156 -25.97 -10.43 -30.88
N GLN C 157 -25.56 -9.24 -31.32
CA GLN C 157 -26.32 -8.48 -32.35
C GLN C 157 -26.28 -9.23 -33.68
N ALA C 158 -25.11 -9.76 -34.03
CA ALA C 158 -24.94 -10.42 -35.31
C ALA C 158 -25.49 -11.86 -35.30
N PHE C 159 -25.47 -12.56 -34.16
CA PHE C 159 -25.76 -14.00 -34.16
C PHE C 159 -26.91 -14.40 -33.24
N GLY C 160 -27.34 -13.51 -32.33
CA GLY C 160 -28.39 -13.87 -31.40
C GLY C 160 -29.75 -13.28 -31.76
N PRO C 161 -30.85 -13.82 -31.18
CA PRO C 161 -32.18 -13.35 -31.49
C PRO C 161 -32.45 -11.97 -30.91
N ARG C 162 -32.99 -11.07 -31.74
CA ARG C 162 -33.37 -9.73 -31.24
C ARG C 162 -34.49 -9.93 -30.23
N LEU C 163 -34.40 -9.22 -29.12
CA LEU C 163 -35.40 -9.41 -28.05
C LEU C 163 -36.27 -8.16 -27.97
N ILE C 164 -35.66 -6.99 -27.77
CA ILE C 164 -36.46 -5.76 -27.57
C ILE C 164 -35.58 -4.51 -27.71
N GLN C 165 -36.20 -3.36 -27.97
CA GLN C 165 -35.46 -2.07 -28.01
C GLN C 165 -35.93 -1.18 -26.87
N LEU C 166 -35.00 -0.63 -26.10
CA LEU C 166 -35.28 0.25 -24.96
C LEU C 166 -34.42 1.49 -25.13
N ASP C 167 -35.05 2.67 -25.10
CA ASP C 167 -34.38 3.86 -25.60
C ASP C 167 -33.78 3.53 -26.98
N ASP C 168 -32.50 3.86 -27.21
CA ASP C 168 -31.87 3.52 -28.49
C ASP C 168 -30.99 2.27 -28.37
N VAL C 169 -31.23 1.41 -27.39
CA VAL C 169 -30.48 0.16 -27.28
C VAL C 169 -31.36 -1.01 -27.72
N THR C 170 -30.88 -1.78 -28.70
CA THR C 170 -31.50 -3.05 -29.07
C THR C 170 -30.80 -4.22 -28.35
N TYR C 171 -31.59 -5.02 -27.63
CA TYR C 171 -31.08 -6.16 -26.89
C TYR C 171 -31.25 -7.44 -27.69
N HIS C 172 -30.21 -8.28 -27.68
CA HIS C 172 -30.24 -9.59 -28.31
C HIS C 172 -29.91 -10.68 -27.29
N GLY C 173 -30.49 -11.87 -27.46
CA GLY C 173 -30.14 -13.04 -26.70
C GLY C 173 -28.72 -13.51 -27.07
N PHE C 174 -28.12 -14.32 -26.20
CA PHE C 174 -26.84 -14.92 -26.53
C PHE C 174 -27.09 -15.93 -27.65
N PRO C 175 -26.18 -16.03 -28.66
CA PRO C 175 -26.31 -17.05 -29.72
C PRO C 175 -26.39 -18.49 -29.26
N ASN C 176 -27.18 -19.28 -30.01
CA ASN C 176 -27.21 -20.72 -29.79
C ASN C 176 -25.99 -21.30 -30.51
N LEU C 177 -25.67 -22.56 -30.19
CA LEU C 177 -24.51 -23.23 -30.74
C LEU C 177 -24.63 -23.35 -32.26
N HIS C 178 -25.84 -23.59 -32.76
CA HIS C 178 -26.06 -23.79 -34.18
C HIS C 178 -25.60 -22.53 -34.92
N ALA C 179 -25.93 -21.35 -34.37
CA ALA C 179 -25.56 -20.08 -34.98
C ALA C 179 -24.04 -19.93 -35.04
N LEU C 180 -23.34 -20.33 -33.96
CA LEU C 180 -21.89 -20.16 -33.87
C LEU C 180 -21.14 -21.24 -34.65
N ALA C 181 -21.81 -22.35 -35.00
CA ALA C 181 -21.20 -23.56 -35.52
C ALA C 181 -21.27 -23.60 -37.05
N GLY C 182 -21.98 -22.65 -37.67
CA GLY C 182 -22.36 -22.75 -39.06
C GLY C 182 -21.17 -22.57 -40.01
N PRO C 183 -21.32 -22.92 -41.31
CA PRO C 183 -20.20 -22.94 -42.26
C PRO C 183 -19.51 -21.60 -42.52
N GLU C 184 -20.23 -20.48 -42.43
CA GLU C 184 -19.63 -19.17 -42.68
C GLU C 184 -19.43 -18.39 -41.38
N ALA C 185 -19.62 -19.06 -40.24
CA ALA C 185 -19.62 -18.37 -38.94
C ALA C 185 -18.27 -17.69 -38.66
N GLU C 186 -17.14 -18.36 -39.01
CA GLU C 186 -15.83 -17.82 -38.72
C GLU C 186 -15.58 -16.51 -39.48
N THR C 187 -15.95 -16.46 -40.75
CA THR C 187 -15.79 -15.22 -41.55
C THR C 187 -16.52 -14.06 -40.87
N HIS C 188 -17.74 -14.31 -40.42
CA HIS C 188 -18.56 -13.21 -39.83
C HIS C 188 -18.02 -12.83 -38.45
N LEU C 189 -17.62 -13.82 -37.66
CA LEU C 189 -17.07 -13.55 -36.32
C LEU C 189 -15.80 -12.70 -36.47
N ARG C 190 -15.00 -12.99 -37.49
CA ARG C 190 -13.76 -12.19 -37.74
C ARG C 190 -14.15 -10.76 -38.09
N LYS C 191 -15.25 -10.57 -38.82
CA LYS C 191 -15.70 -9.21 -39.17
C LYS C 191 -16.04 -8.44 -37.90
N LEU C 192 -16.41 -9.14 -36.82
CA LEU C 192 -16.74 -8.47 -35.54
C LEU C 192 -15.45 -8.12 -34.79
N GLY C 193 -14.28 -8.49 -35.32
CA GLY C 193 -13.03 -8.17 -34.65
C GLY C 193 -12.52 -9.23 -33.67
N LEU C 194 -12.96 -10.50 -33.78
CA LEU C 194 -12.52 -11.52 -32.82
C LEU C 194 -11.13 -12.07 -33.17
N GLY C 195 -10.64 -11.80 -34.39
CA GLY C 195 -9.35 -12.30 -34.82
C GLY C 195 -9.33 -13.83 -34.92
N TYR C 196 -8.18 -14.42 -34.59
CA TYR C 196 -7.96 -15.84 -34.86
C TYR C 196 -8.83 -16.69 -33.94
N ARG C 197 -9.28 -16.09 -32.83
CA ARG C 197 -10.12 -16.78 -31.87
C ARG C 197 -11.52 -17.04 -32.43
N ALA C 198 -11.92 -16.36 -33.51
CA ALA C 198 -13.12 -16.70 -34.26
C ALA C 198 -13.13 -18.18 -34.68
N ARG C 199 -11.96 -18.71 -35.03
CA ARG C 199 -11.80 -20.10 -35.44
C ARG C 199 -12.18 -21.02 -34.28
N TYR C 200 -11.67 -20.70 -33.08
CA TYR C 200 -11.92 -21.50 -31.89
C TYR C 200 -13.38 -21.45 -31.44
N VAL C 201 -14.01 -20.29 -31.63
CA VAL C 201 -15.43 -20.14 -31.31
C VAL C 201 -16.23 -21.12 -32.17
N ARG C 202 -16.05 -21.04 -33.47
CA ARG C 202 -16.76 -21.90 -34.41
C ARG C 202 -16.48 -23.38 -34.10
N ALA C 203 -15.21 -23.73 -33.83
CA ALA C 203 -14.80 -25.12 -33.67
C ALA C 203 -15.38 -25.73 -32.38
N SER C 204 -15.34 -24.93 -31.29
CA SER C 204 -15.90 -25.38 -30.03
C SER C 204 -17.41 -25.55 -30.11
N ALA C 205 -18.09 -24.61 -30.79
CA ALA C 205 -19.53 -24.69 -30.94
C ALA C 205 -19.87 -26.00 -31.68
N LYS C 206 -19.15 -26.23 -32.77
CA LYS C 206 -19.39 -27.38 -33.63
C LYS C 206 -19.14 -28.67 -32.86
N ALA C 207 -18.02 -28.72 -32.12
CA ALA C 207 -17.67 -29.88 -31.32
C ALA C 207 -18.77 -30.22 -30.31
N ILE C 208 -19.23 -29.22 -29.56
CA ILE C 208 -20.22 -29.47 -28.52
C ILE C 208 -21.53 -29.96 -29.14
N LEU C 209 -21.94 -29.35 -30.25
CA LEU C 209 -23.18 -29.70 -30.90
C LEU C 209 -23.13 -31.13 -31.45
N GLU C 210 -22.06 -31.43 -32.19
CA GLU C 210 -22.00 -32.63 -33.01
C GLU C 210 -21.42 -33.81 -32.24
N GLU C 211 -20.42 -33.55 -31.39
CA GLU C 211 -19.68 -34.62 -30.75
C GLU C 211 -20.21 -34.90 -29.36
N GLN C 212 -20.84 -33.91 -28.71
CA GLN C 212 -21.17 -34.02 -27.29
C GLN C 212 -22.69 -33.95 -27.05
N GLY C 213 -23.46 -33.65 -28.10
CA GLY C 213 -24.91 -33.70 -28.02
C GLY C 213 -25.53 -32.40 -27.48
N GLY C 214 -24.82 -31.28 -27.64
CA GLY C 214 -25.38 -29.96 -27.40
C GLY C 214 -25.14 -29.48 -25.96
N PRO C 215 -25.90 -28.45 -25.52
CA PRO C 215 -25.74 -27.84 -24.20
C PRO C 215 -25.98 -28.76 -23.01
N ALA C 216 -26.67 -29.88 -23.21
CA ALA C 216 -26.84 -30.85 -22.13
C ALA C 216 -25.47 -31.35 -21.66
N TRP C 217 -24.43 -31.30 -22.53
CA TRP C 217 -23.09 -31.72 -22.12
C TRP C 217 -22.51 -30.78 -21.05
N LEU C 218 -22.78 -29.49 -21.17
CA LEU C 218 -22.25 -28.51 -20.19
C LEU C 218 -23.01 -28.67 -18.87
N GLN C 219 -24.31 -28.95 -18.91
CA GLN C 219 -25.09 -29.20 -17.67
C GLN C 219 -24.54 -30.43 -16.94
N GLN C 220 -24.11 -31.45 -17.69
CA GLN C 220 -23.49 -32.65 -17.07
C GLN C 220 -22.17 -32.25 -16.40
N LEU C 221 -21.42 -31.32 -17.00
CA LEU C 221 -20.17 -30.84 -16.36
C LEU C 221 -20.53 -30.05 -15.09
N ARG C 222 -21.69 -29.39 -15.10
CA ARG C 222 -22.13 -28.67 -13.92
C ARG C 222 -22.35 -29.63 -12.75
N VAL C 223 -22.75 -30.89 -13.03
CA VAL C 223 -23.01 -31.88 -11.98
C VAL C 223 -21.77 -32.75 -11.75
N ALA C 224 -20.87 -32.81 -12.73
CA ALA C 224 -19.65 -33.60 -12.59
C ALA C 224 -18.71 -32.96 -11.57
N PRO C 225 -17.72 -33.71 -11.02
CA PRO C 225 -16.71 -33.13 -10.14
C PRO C 225 -15.76 -32.16 -10.86
N TYR C 226 -15.23 -31.20 -10.08
CA TYR C 226 -14.41 -30.09 -10.55
C TYR C 226 -13.30 -30.58 -11.49
N GLU C 227 -12.53 -31.59 -11.04
CA GLU C 227 -11.38 -32.05 -11.79
C GLU C 227 -11.80 -32.56 -13.17
N GLU C 228 -12.97 -33.20 -13.22
CA GLU C 228 -13.49 -33.78 -14.46
C GLU C 228 -13.99 -32.67 -15.39
N ALA C 229 -14.74 -31.71 -14.83
CA ALA C 229 -15.25 -30.56 -15.57
C ALA C 229 -14.11 -29.78 -16.23
N HIS C 230 -13.08 -29.48 -15.43
CA HIS C 230 -11.94 -28.67 -15.86
C HIS C 230 -11.21 -29.37 -17.02
N LYS C 231 -10.93 -30.66 -16.84
CA LYS C 231 -10.30 -31.50 -17.85
C LYS C 231 -11.11 -31.51 -19.14
N ALA C 232 -12.43 -31.65 -19.02
CA ALA C 232 -13.32 -31.72 -20.19
C ALA C 232 -13.31 -30.39 -20.96
N LEU C 233 -13.40 -29.26 -20.25
CA LEU C 233 -13.34 -27.95 -20.89
C LEU C 233 -12.02 -27.73 -21.63
N CYS C 234 -10.91 -28.21 -21.05
CA CYS C 234 -9.58 -28.02 -21.64
C CYS C 234 -9.38 -28.83 -22.92
N THR C 235 -10.29 -29.78 -23.19
CA THR C 235 -10.48 -30.47 -24.46
C THR C 235 -10.83 -29.53 -25.60
N LEU C 236 -11.47 -28.38 -25.30
CA LEU C 236 -12.11 -27.57 -26.31
C LEU C 236 -11.07 -26.66 -26.96
N PRO C 237 -11.15 -26.44 -28.29
CA PRO C 237 -10.34 -25.41 -28.95
C PRO C 237 -10.50 -24.04 -28.29
N GLY C 238 -9.35 -23.43 -27.95
CA GLY C 238 -9.31 -22.08 -27.42
C GLY C 238 -9.49 -22.04 -25.90
N VAL C 239 -9.68 -23.20 -25.26
CA VAL C 239 -9.88 -23.25 -23.81
C VAL C 239 -8.65 -23.84 -23.14
N GLY C 240 -7.93 -22.96 -22.41
CA GLY C 240 -6.84 -23.34 -21.53
C GLY C 240 -7.26 -23.34 -20.05
N ALA C 241 -6.28 -23.56 -19.18
CA ALA C 241 -6.54 -23.88 -17.77
C ALA C 241 -7.19 -22.69 -17.06
N LYS C 242 -6.76 -21.47 -17.42
CA LYS C 242 -7.26 -20.26 -16.80
C LYS C 242 -8.75 -20.09 -17.15
N VAL C 243 -9.07 -20.14 -18.45
CA VAL C 243 -10.42 -19.98 -18.94
C VAL C 243 -11.32 -21.10 -18.40
N ALA C 244 -10.82 -22.33 -18.40
CA ALA C 244 -11.56 -23.47 -17.85
C ALA C 244 -11.95 -23.24 -16.38
N ASP C 245 -11.02 -22.65 -15.60
CA ASP C 245 -11.29 -22.34 -14.20
C ASP C 245 -12.31 -21.21 -14.06
N CYS C 246 -12.25 -20.19 -14.92
CA CYS C 246 -13.28 -19.15 -14.92
C CYS C 246 -14.66 -19.80 -15.08
N ILE C 247 -14.80 -20.67 -16.06
CA ILE C 247 -16.09 -21.28 -16.38
C ILE C 247 -16.52 -22.21 -15.26
N CYS C 248 -15.59 -23.00 -14.71
CA CYS C 248 -15.89 -23.84 -13.56
C CYS C 248 -16.50 -23.01 -12.43
N LEU C 249 -15.83 -21.90 -12.07
CA LEU C 249 -16.22 -21.04 -10.98
C LEU C 249 -17.55 -20.33 -11.26
N MET C 250 -17.67 -19.81 -12.48
CA MET C 250 -18.82 -18.92 -12.78
C MET C 250 -20.04 -19.61 -13.39
N ALA C 251 -19.91 -20.84 -13.89
CA ALA C 251 -21.06 -21.46 -14.60
C ALA C 251 -21.24 -22.94 -14.25
N LEU C 252 -20.21 -23.61 -13.75
CA LEU C 252 -20.32 -25.07 -13.52
C LEU C 252 -20.36 -25.36 -12.01
N ASP C 253 -20.68 -24.36 -11.20
CA ASP C 253 -20.87 -24.57 -9.75
C ASP C 253 -19.64 -25.18 -9.10
N LYS C 254 -18.44 -24.67 -9.41
CA LYS C 254 -17.21 -25.14 -8.73
C LYS C 254 -16.63 -23.96 -7.95
N PRO C 255 -17.13 -23.66 -6.73
CA PRO C 255 -16.66 -22.50 -5.97
C PRO C 255 -15.21 -22.60 -5.51
N GLN C 256 -14.61 -23.79 -5.59
CA GLN C 256 -13.19 -24.00 -5.22
C GLN C 256 -12.27 -23.64 -6.39
N ALA C 257 -12.85 -23.42 -7.56
CA ALA C 257 -12.04 -23.13 -8.75
C ALA C 257 -11.38 -21.78 -8.57
N VAL C 258 -10.05 -21.73 -8.78
CA VAL C 258 -9.30 -20.49 -8.60
C VAL C 258 -8.52 -20.21 -9.87
N PRO C 259 -9.03 -19.34 -10.78
CA PRO C 259 -8.32 -18.96 -11.99
C PRO C 259 -7.05 -18.19 -11.70
N VAL C 260 -5.93 -18.69 -12.25
CA VAL C 260 -4.63 -18.12 -11.99
C VAL C 260 -4.08 -17.48 -13.27
N ASP C 261 -3.73 -16.19 -13.15
CA ASP C 261 -3.04 -15.38 -14.13
C ASP C 261 -2.00 -14.53 -13.39
N VAL C 262 -1.44 -13.54 -14.08
CA VAL C 262 -0.33 -12.76 -13.56
C VAL C 262 -0.82 -11.89 -12.41
N HIS C 263 -2.09 -11.44 -12.47
CA HIS C 263 -2.65 -10.63 -11.41
C HIS C 263 -2.75 -11.42 -10.10
N VAL C 264 -3.05 -12.73 -10.17
CA VAL C 264 -3.13 -13.53 -8.95
C VAL C 264 -1.72 -13.68 -8.37
N TRP C 265 -0.72 -13.87 -9.25
CA TRP C 265 0.67 -13.97 -8.86
C TRP C 265 1.10 -12.73 -8.06
N GLN C 266 0.75 -11.55 -8.59
CA GLN C 266 1.10 -10.29 -8.00
C GLN C 266 0.55 -10.19 -6.57
N ILE C 267 -0.75 -10.50 -6.42
CA ILE C 267 -1.45 -10.45 -5.15
C ILE C 267 -0.83 -11.43 -4.15
N ALA C 268 -0.66 -12.67 -4.60
CA ALA C 268 -0.13 -13.74 -3.76
C ALA C 268 1.24 -13.37 -3.23
N HIS C 269 2.08 -12.82 -4.11
CA HIS C 269 3.46 -12.49 -3.76
C HIS C 269 3.46 -11.27 -2.83
N ARG C 270 2.75 -10.20 -3.24
CA ARG C 270 2.78 -8.95 -2.50
C ARG C 270 2.09 -9.11 -1.14
N ASP C 271 0.87 -9.67 -1.14
CA ASP C 271 0.00 -9.62 0.03
C ASP C 271 0.12 -10.88 0.90
N TYR C 272 0.61 -12.00 0.34
CA TYR C 272 0.73 -13.25 1.12
C TYR C 272 2.18 -13.72 1.23
N GLY C 273 3.13 -13.06 0.56
CA GLY C 273 4.52 -13.48 0.61
C GLY C 273 4.79 -14.80 -0.10
N TRP C 274 3.94 -15.13 -1.09
CA TRP C 274 4.03 -16.41 -1.76
C TRP C 274 5.10 -16.38 -2.83
N HIS C 275 5.90 -17.45 -2.88
CA HIS C 275 6.81 -17.74 -3.97
C HIS C 275 6.66 -19.22 -4.31
N PRO C 276 6.93 -19.65 -5.55
CA PRO C 276 6.88 -21.09 -5.89
C PRO C 276 8.02 -21.91 -5.25
N SER C 285 4.29 -20.47 -14.95
CA SER C 285 4.28 -21.76 -15.70
C SER C 285 3.01 -22.53 -15.36
N PRO C 286 2.63 -23.56 -16.16
CA PRO C 286 1.53 -24.46 -15.80
C PRO C 286 1.60 -25.07 -14.39
N LEU C 287 2.78 -25.52 -13.97
CA LEU C 287 2.89 -26.24 -12.71
C LEU C 287 2.80 -25.28 -11.52
N ALA C 288 3.43 -24.12 -11.63
CA ALA C 288 3.43 -23.14 -10.55
C ALA C 288 2.05 -22.50 -10.42
N ASN C 289 1.38 -22.28 -11.56
CA ASN C 289 0.03 -21.76 -11.57
C ASN C 289 -0.90 -22.70 -10.82
N LYS C 290 -0.76 -24.00 -11.05
CA LYS C 290 -1.59 -25.01 -10.39
C LYS C 290 -1.32 -25.02 -8.88
N GLU C 291 -0.03 -24.93 -8.51
CA GLU C 291 0.40 -24.83 -7.12
C GLU C 291 -0.21 -23.58 -6.48
N LEU C 292 -0.34 -22.46 -7.21
CA LEU C 292 -0.85 -21.24 -6.60
C LEU C 292 -2.36 -21.41 -6.36
N GLY C 293 -3.05 -22.07 -7.29
CA GLY C 293 -4.48 -22.37 -7.09
C GLY C 293 -4.69 -23.24 -5.85
N ASN C 294 -3.84 -24.25 -5.68
CA ASN C 294 -3.87 -25.13 -4.51
C ASN C 294 -3.61 -24.33 -3.23
N PHE C 295 -2.69 -23.35 -3.28
CA PHE C 295 -2.37 -22.52 -2.12
C PHE C 295 -3.64 -21.85 -1.59
N PHE C 296 -4.41 -21.22 -2.49
CA PHE C 296 -5.59 -20.48 -2.09
C PHE C 296 -6.73 -21.41 -1.65
N ARG C 297 -6.88 -22.58 -2.29
CA ARG C 297 -7.85 -23.57 -1.82
C ARG C 297 -7.51 -24.03 -0.40
N ASN C 298 -6.23 -24.34 -0.15
CA ASN C 298 -5.78 -24.77 1.17
C ASN C 298 -6.03 -23.68 2.20
N LEU C 299 -5.86 -22.41 1.82
CA LEU C 299 -6.04 -21.29 2.74
C LEU C 299 -7.53 -21.04 3.02
N TRP C 300 -8.34 -20.91 1.97
CA TRP C 300 -9.69 -20.38 2.12
C TRP C 300 -10.76 -21.46 2.24
N GLY C 301 -10.46 -22.64 1.68
CA GLY C 301 -11.38 -23.74 1.71
C GLY C 301 -12.23 -23.83 0.44
N PRO C 302 -13.46 -24.38 0.56
CA PRO C 302 -14.22 -24.87 -0.60
C PRO C 302 -14.86 -23.78 -1.48
N TYR C 303 -14.86 -22.53 -0.98
CA TYR C 303 -15.34 -21.37 -1.73
C TYR C 303 -14.18 -20.42 -2.07
N ALA C 304 -12.97 -20.99 -2.27
CA ALA C 304 -11.76 -20.22 -2.54
C ALA C 304 -11.92 -19.23 -3.71
N GLY C 305 -12.62 -19.63 -4.77
CA GLY C 305 -12.80 -18.79 -5.95
C GLY C 305 -13.63 -17.54 -5.66
N TRP C 306 -14.62 -17.72 -4.77
CA TRP C 306 -15.40 -16.60 -4.28
C TRP C 306 -14.55 -15.61 -3.49
N ALA C 307 -13.63 -16.13 -2.67
CA ALA C 307 -12.78 -15.27 -1.88
C ALA C 307 -11.88 -14.44 -2.79
N GLN C 308 -11.32 -15.08 -3.82
CA GLN C 308 -10.47 -14.42 -4.80
C GLN C 308 -11.25 -13.30 -5.49
N ALA C 309 -12.54 -13.53 -5.76
CA ALA C 309 -13.35 -12.50 -6.39
C ALA C 309 -13.43 -11.26 -5.51
N VAL C 310 -13.53 -11.45 -4.18
CA VAL C 310 -13.56 -10.31 -3.26
C VAL C 310 -12.27 -9.53 -3.36
N LEU C 311 -11.12 -10.23 -3.36
CA LEU C 311 -9.83 -9.56 -3.50
C LEU C 311 -9.72 -8.83 -4.83
N PHE C 312 -10.20 -9.43 -5.92
CA PHE C 312 -10.21 -8.77 -7.23
C PHE C 312 -10.99 -7.45 -7.19
N SER C 313 -12.18 -7.44 -6.57
CA SER C 313 -13.00 -6.23 -6.52
C SER C 313 -12.44 -5.22 -5.52
N ALA C 314 -11.71 -5.73 -4.54
CA ALA C 314 -11.05 -4.88 -3.57
C ALA C 314 -9.76 -4.26 -4.14
N ASP C 315 -9.34 -4.71 -5.33
CA ASP C 315 -8.17 -4.16 -6.01
C ASP C 315 -8.63 -3.24 -7.15
N LEU C 316 -9.51 -2.29 -6.81
CA LEU C 316 -10.13 -1.39 -7.78
C LEU C 316 -10.63 -0.16 -7.02
C10 UEF D . 2.93 -5.23 19.58
C13 UEF D . 4.91 -3.92 19.37
C01 UEF D . -1.57 -10.13 19.78
C02 UEF D . -1.66 -8.59 19.70
C03 UEF D . -2.98 -7.99 19.27
C04 UEF D . -1.08 -7.87 20.91
C05 UEF D . 0.26 -7.93 20.20
C06 UEF D . -0.52 -8.04 18.89
N07 UEF D . 0.98 -6.71 20.29
C08 UEF D . 2.15 -6.53 19.48
O09 UEF D . 2.59 -7.40 18.82
C11 UEF D . 2.45 -3.96 20.05
S12 UEF D . 3.73 -2.85 19.95
C14 UEF D . 6.24 -4.02 18.96
N15 UEF D . 6.44 -5.27 18.54
C16 UEF D . 5.28 -5.97 18.70
N17 UEF D . 4.35 -5.14 19.21
NI NI E . 9.57 -11.98 -2.85
C10 UEF F . 15.05 11.04 -9.49
C13 UEF F . 13.94 10.27 -11.43
C01 UEF F . 19.30 11.60 -4.23
C02 UEF F . 17.93 12.19 -4.63
C03 UEF F . 17.05 12.70 -3.49
C04 UEF F . 18.00 13.10 -5.84
C05 UEF F . 17.70 11.87 -6.71
C06 UEF F . 17.19 11.17 -5.47
N07 UEF F . 16.67 12.04 -7.73
C08 UEF F . 16.07 10.88 -8.37
O09 UEF F . 16.43 9.77 -8.09
C11 UEF F . 14.22 12.16 -9.83
S12 UEF F . 13.34 11.82 -11.22
C14 UEF F . 13.89 9.12 -12.23
N15 UEF F . 14.74 8.18 -11.75
C16 UEF F . 15.35 8.71 -10.66
N17 UEF F . 14.84 9.99 -10.48
C10 UEF G . -12.64 -12.77 -12.38
C13 UEF G . -13.03 -13.74 -10.27
C01 UEF G . -10.78 -9.79 -17.99
C02 UEF G . -11.22 -11.24 -17.76
C03 UEF G . -11.01 -12.16 -18.96
C04 UEF G . -10.70 -11.83 -16.46
C05 UEF G . -11.85 -11.07 -15.83
C06 UEF G . -12.61 -11.32 -17.12
N07 UEF G . -12.42 -11.51 -14.56
C08 UEF G . -11.91 -12.54 -13.69
O09 UEF G . -10.95 -13.18 -13.93
C11 UEF G . -13.81 -12.07 -11.94
S12 UEF G . -14.24 -12.63 -10.45
C14 UEF G . -12.51 -14.67 -9.41
N15 UEF G . -11.43 -15.20 -9.97
C16 UEF G . -11.26 -14.62 -11.16
N17 UEF G . -12.26 -13.70 -11.34
#